data_6YLT
#
_entry.id   6YLT
#
_cell.length_a   38.300
_cell.length_b   38.330
_cell.length_c   148.760
_cell.angle_alpha   83.993
_cell.angle_beta   87.776
_cell.angle_gamma   76.809
#
_symmetry.space_group_name_H-M   'P 1'
#
loop_
_entity.id
_entity.type
_entity.pdbx_description
1 polymer 'Eukaryotic translation initiation factor 4E'
2 non-polymer '[[(2~{R},3~{S},4~{R},5~{R})-5-[2-azanyl-7-[(3-methylphenyl)methyl]-6-oxidanylidene-1~{H}-purin-9-yl]-3,4-bis(oxidanyl)oxolan-2-yl]methoxy-oxidanyl-phosphoryl] [[(2~{R},3~{S},4~{R},5~{R})-5-(2-azanyl-6-oxidanylidene-1~{H}-purin-9-yl)-3,4-bis(oxidanyl)oxolan-2-yl]methoxy-oxidanyl-phosphoryl] hydrogen phosphate'
3 water water
#
_entity_poly.entity_id   1
_entity_poly.type   'polypeptide(L)'
_entity_poly.pdbx_seq_one_letter_code
;MVANPEHYIKHPLQNRWALWFFKNDKSKTWQANLRLISKFDTVEDFWALYNHIQLSSNLMPGCDYSLFKDGIEPMWEDEK
NKRGGRWLITLNKQQRRSDLDRFWLETLLCLIGESFDDYSDDVCGAVVNVRAKGDKIAIWTTECENRDAVTHIGRVYKER
LGLPPKIVIGYQSHADTATKSGSTTKNRFVV
;
_entity_poly.pdbx_strand_id   A,B,C,D
#
loop_
_chem_comp.id
_chem_comp.type
_chem_comp.name
_chem_comp.formula
P3E non-polymer '[[(2~{R},3~{S},4~{R},5~{R})-5-[2-azanyl-7-[(3-methylphenyl)methyl]-6-oxidanylidene-1~{H}-purin-9-yl]-3,4-bis(oxidanyl)oxolan-2-yl]methoxy-oxidanyl-phosphoryl] [[(2~{R},3~{S},4~{R},5~{R})-5-(2-azanyl-6-oxidanylidene-1~{H}-purin-9-yl)-3,4-bis(oxidanyl)oxolan-2-yl]methoxy-oxidanyl-phosphoryl] hydrogen phosphate' 'C28 H36 N10 O18 P3 1'
#
# COMPACT_ATOMS: atom_id res chain seq x y z
N PRO A 5 -30.15 -18.04 33.16
CA PRO A 5 -29.60 -18.88 32.10
C PRO A 5 -28.09 -18.73 31.93
N GLU A 6 -27.59 -17.49 31.96
CA GLU A 6 -26.18 -17.25 31.69
C GLU A 6 -25.26 -18.00 32.66
N HIS A 7 -25.76 -18.40 33.84
CA HIS A 7 -24.88 -19.04 34.80
C HIS A 7 -24.51 -20.47 34.40
N TYR A 8 -25.25 -21.08 33.48
CA TYR A 8 -25.01 -22.47 33.11
C TYR A 8 -25.00 -22.76 31.61
N ILE A 9 -25.31 -21.79 30.74
CA ILE A 9 -25.37 -22.02 29.29
C ILE A 9 -24.07 -21.57 28.64
N LYS A 10 -23.58 -22.37 27.70
CA LYS A 10 -22.46 -21.96 26.88
C LYS A 10 -22.89 -20.84 25.93
N HIS A 11 -21.92 -20.02 25.54
CA HIS A 11 -22.20 -18.85 24.72
C HIS A 11 -22.05 -19.20 23.25
N PRO A 12 -23.13 -19.20 22.46
CA PRO A 12 -23.03 -19.64 21.07
C PRO A 12 -22.31 -18.63 20.19
N LEU A 13 -21.61 -19.15 19.19
CA LEU A 13 -20.98 -18.32 18.18
C LEU A 13 -21.94 -18.10 17.02
N GLN A 14 -21.70 -17.04 16.26
CA GLN A 14 -22.52 -16.75 15.08
C GLN A 14 -22.45 -17.89 14.08
N ASN A 15 -21.27 -18.49 13.91
CA ASN A 15 -21.08 -19.58 12.97
C ASN A 15 -20.49 -20.79 13.68
N ARG A 16 -20.57 -21.92 12.98
CA ARG A 16 -19.90 -23.14 13.38
C ARG A 16 -18.61 -23.26 12.58
N TRP A 17 -17.51 -23.56 13.27
CA TRP A 17 -16.19 -23.53 12.66
C TRP A 17 -15.54 -24.91 12.74
N ALA A 18 -14.66 -25.17 11.78
CA ALA A 18 -13.93 -26.43 11.69
C ALA A 18 -12.44 -26.16 11.63
N LEU A 19 -11.69 -26.77 12.55
CA LEU A 19 -10.23 -26.62 12.58
C LEU A 19 -9.58 -27.80 11.88
N TRP A 20 -8.70 -27.50 10.92
CA TRP A 20 -8.02 -28.51 10.12
C TRP A 20 -6.53 -28.50 10.42
N PHE A 21 -5.91 -29.67 10.25
CA PHE A 21 -4.47 -29.83 10.35
C PHE A 21 -3.94 -30.44 9.07
N PHE A 22 -2.73 -30.04 8.68
CA PHE A 22 -2.06 -30.53 7.48
C PHE A 22 -0.60 -30.78 7.83
N LYS A 23 -0.09 -31.96 7.47
CA LYS A 23 1.32 -32.29 7.63
C LYS A 23 1.84 -32.74 6.28
N ASN A 24 3.05 -32.31 5.92
CA ASN A 24 3.55 -32.56 4.58
C ASN A 24 4.24 -33.93 4.57
N ASP A 25 3.66 -34.85 3.82
CA ASP A 25 4.16 -36.21 3.69
C ASP A 25 4.24 -36.50 2.20
N LYS A 26 5.47 -36.67 1.70
CA LYS A 26 5.65 -36.88 0.27
C LYS A 26 5.09 -38.21 -0.22
N SER A 27 4.88 -39.18 0.68
CA SER A 27 4.27 -40.44 0.29
C SER A 27 2.81 -40.29 -0.13
N LYS A 28 2.14 -39.21 0.27
CA LYS A 28 0.72 -39.04 0.01
C LYS A 28 0.47 -37.83 -0.86
N THR A 29 -0.74 -37.78 -1.43
CA THR A 29 -1.20 -36.61 -2.17
C THR A 29 -1.51 -35.48 -1.20
N TRP A 30 -1.66 -34.28 -1.75
CA TRP A 30 -1.92 -33.12 -0.90
C TRP A 30 -3.26 -33.23 -0.17
N GLN A 31 -4.30 -33.68 -0.87
CA GLN A 31 -5.61 -33.80 -0.21
C GLN A 31 -5.58 -34.87 0.87
N ALA A 32 -4.76 -35.91 0.71
CA ALA A 32 -4.72 -36.98 1.69
C ALA A 32 -4.00 -36.56 2.97
N ASN A 33 -3.27 -35.45 2.94
CA ASN A 33 -2.58 -34.96 4.12
C ASN A 33 -3.42 -33.97 4.93
N LEU A 34 -4.62 -33.63 4.46
CA LEU A 34 -5.53 -32.78 5.20
C LEU A 34 -6.36 -33.61 6.18
N ARG A 35 -6.33 -33.21 7.45
CA ARG A 35 -7.09 -33.90 8.49
C ARG A 35 -7.90 -32.89 9.29
N LEU A 36 -9.16 -33.24 9.54
CA LEU A 36 -10.03 -32.40 10.35
C LEU A 36 -9.86 -32.73 11.82
N ILE A 37 -9.58 -31.72 12.64
CA ILE A 37 -9.37 -31.94 14.06
C ILE A 37 -10.70 -32.03 14.79
N SER A 38 -11.46 -30.94 14.78
CA SER A 38 -12.71 -30.87 15.52
C SER A 38 -13.52 -29.70 14.99
N LYS A 39 -14.80 -29.69 15.35
CA LYS A 39 -15.70 -28.58 15.06
C LYS A 39 -16.23 -28.02 16.37
N PHE A 40 -16.55 -26.72 16.37
CA PHE A 40 -17.05 -26.06 17.55
C PHE A 40 -17.98 -24.92 17.14
N ASP A 41 -18.90 -24.57 18.04
CA ASP A 41 -19.79 -23.43 17.79
C ASP A 41 -20.09 -22.63 19.05
N THR A 42 -19.28 -22.76 20.09
CA THR A 42 -19.44 -21.97 21.31
C THR A 42 -18.11 -21.35 21.71
N VAL A 43 -18.20 -20.28 22.49
CA VAL A 43 -17.00 -19.59 22.98
C VAL A 43 -16.17 -20.52 23.86
N GLU A 44 -16.83 -21.27 24.74
CA GLU A 44 -16.12 -22.16 25.65
C GLU A 44 -15.39 -23.27 24.91
N ASP A 45 -16.05 -23.86 23.91
CA ASP A 45 -15.43 -24.98 23.19
C ASP A 45 -14.24 -24.52 22.34
N PHE A 46 -14.27 -23.29 21.85
CA PHE A 46 -13.12 -22.78 21.10
C PHE A 46 -11.89 -22.69 22.00
N TRP A 47 -12.05 -22.11 23.18
CA TRP A 47 -10.91 -21.93 24.08
C TRP A 47 -10.40 -23.25 24.62
N ALA A 48 -11.30 -24.22 24.82
CA ALA A 48 -10.86 -25.55 25.21
C ALA A 48 -10.00 -26.18 24.12
N LEU A 49 -10.43 -26.06 22.87
CA LEU A 49 -9.65 -26.61 21.76
C LEU A 49 -8.34 -25.85 21.57
N TYR A 50 -8.37 -24.52 21.64
CA TYR A 50 -7.17 -23.73 21.42
C TYR A 50 -6.11 -24.02 22.48
N ASN A 51 -6.54 -24.19 23.74
CA ASN A 51 -5.59 -24.44 24.82
C ASN A 51 -5.03 -25.86 24.83
N HIS A 52 -5.59 -26.77 24.02
CA HIS A 52 -5.12 -28.15 23.99
C HIS A 52 -4.18 -28.44 22.82
N ILE A 53 -4.14 -27.58 21.81
CA ILE A 53 -3.36 -27.85 20.62
C ILE A 53 -2.09 -27.03 20.67
N GLN A 54 -1.11 -27.44 19.87
CA GLN A 54 0.17 -26.75 19.86
C GLN A 54 0.02 -25.35 19.28
N LEU A 55 0.87 -24.44 19.77
CA LEU A 55 1.00 -23.16 19.11
C LEU A 55 1.74 -23.34 17.79
N SER A 56 1.41 -22.47 16.84
CA SER A 56 2.09 -22.53 15.55
C SER A 56 3.58 -22.26 15.69
N SER A 57 3.96 -21.54 16.75
CA SER A 57 5.37 -21.37 17.08
C SER A 57 6.09 -22.71 17.17
N ASN A 58 5.41 -23.74 17.68
CA ASN A 58 6.04 -25.03 17.97
C ASN A 58 5.68 -26.12 16.96
N LEU A 59 5.13 -25.75 15.80
CA LEU A 59 4.90 -26.74 14.76
C LEU A 59 6.14 -26.95 13.90
N MET A 60 6.30 -28.18 13.43
CA MET A 60 7.37 -28.47 12.49
C MET A 60 7.09 -27.80 11.14
N PRO A 61 8.13 -27.35 10.45
CA PRO A 61 7.92 -26.77 9.11
C PRO A 61 7.22 -27.75 8.17
N GLY A 62 6.37 -27.20 7.31
CA GLY A 62 5.57 -28.00 6.40
C GLY A 62 4.22 -28.42 6.91
N CYS A 63 3.73 -27.79 7.99
CA CYS A 63 2.42 -28.07 8.58
C CYS A 63 1.57 -26.81 8.56
N ASP A 64 0.23 -27.00 8.54
CA ASP A 64 -0.69 -25.89 8.45
C ASP A 64 -1.82 -26.06 9.46
N TYR A 65 -2.34 -24.93 9.92
CA TYR A 65 -3.59 -24.85 10.66
C TYR A 65 -4.61 -24.13 9.80
N SER A 66 -5.83 -24.65 9.75
CA SER A 66 -6.91 -24.02 8.98
C SER A 66 -8.17 -23.97 9.82
N LEU A 67 -8.79 -22.79 9.89
CA LEU A 67 -10.09 -22.62 10.51
C LEU A 67 -11.05 -22.12 9.44
N PHE A 68 -12.05 -22.92 9.10
CA PHE A 68 -12.99 -22.58 8.05
C PHE A 68 -14.41 -22.77 8.56
N LYS A 69 -15.34 -22.03 7.97
CA LYS A 69 -16.75 -22.19 8.31
C LYS A 69 -17.23 -23.59 7.96
N ASP A 70 -18.09 -24.13 8.79
CA ASP A 70 -18.64 -25.46 8.54
C ASP A 70 -19.32 -25.49 7.18
N GLY A 71 -18.91 -26.44 6.35
CA GLY A 71 -19.40 -26.56 4.99
C GLY A 71 -18.43 -26.07 3.93
N ILE A 72 -17.36 -25.39 4.33
CA ILE A 72 -16.31 -24.95 3.41
C ILE A 72 -15.05 -25.71 3.73
N GLU A 73 -14.51 -26.41 2.74
CA GLU A 73 -13.28 -27.17 2.95
C GLU A 73 -12.06 -26.30 2.70
N PRO A 74 -10.93 -26.61 3.36
CA PRO A 74 -9.72 -25.82 3.15
C PRO A 74 -9.07 -26.12 1.81
N MET A 75 -9.85 -26.00 0.74
CA MET A 75 -9.41 -26.22 -0.62
C MET A 75 -9.78 -25.02 -1.47
N TRP A 76 -8.88 -24.62 -2.36
CA TRP A 76 -9.26 -23.59 -3.32
C TRP A 76 -10.28 -24.12 -4.32
N GLU A 77 -10.38 -25.44 -4.46
CA GLU A 77 -11.39 -26.04 -5.32
C GLU A 77 -12.80 -25.91 -4.78
N ASP A 78 -12.97 -25.58 -3.50
CA ASP A 78 -14.28 -25.54 -2.89
C ASP A 78 -15.17 -24.54 -3.62
N GLU A 79 -16.48 -24.82 -3.62
CA GLU A 79 -17.44 -23.98 -4.32
C GLU A 79 -17.38 -22.54 -3.83
N LYS A 80 -17.20 -22.35 -2.52
CA LYS A 80 -17.11 -21.02 -1.94
C LYS A 80 -15.70 -20.42 -2.01
N ASN A 81 -14.73 -21.14 -2.60
CA ASN A 81 -13.37 -20.65 -2.66
C ASN A 81 -12.83 -20.41 -4.07
N LYS A 82 -13.39 -21.03 -5.10
CA LYS A 82 -12.76 -20.96 -6.43
C LYS A 82 -12.75 -19.54 -6.98
N ARG A 83 -13.80 -18.76 -6.72
CA ARG A 83 -13.89 -17.40 -7.23
C ARG A 83 -13.43 -16.37 -6.22
N GLY A 84 -12.68 -16.78 -5.19
CA GLY A 84 -12.26 -15.91 -4.13
C GLY A 84 -10.76 -15.70 -4.09
N GLY A 85 -10.29 -15.22 -2.94
CA GLY A 85 -8.87 -14.95 -2.75
C GLY A 85 -8.53 -14.84 -1.28
N ARG A 86 -7.33 -14.32 -1.02
CA ARG A 86 -6.84 -14.25 0.35
C ARG A 86 -6.03 -12.97 0.57
N TRP A 87 -6.19 -12.39 1.75
CA TRP A 87 -5.28 -11.35 2.24
C TRP A 87 -4.07 -12.04 2.86
N LEU A 88 -2.88 -11.73 2.37
CA LEU A 88 -1.68 -12.48 2.71
C LEU A 88 -0.80 -11.69 3.68
N ILE A 89 -0.23 -12.39 4.65
CA ILE A 89 0.72 -11.82 5.59
C ILE A 89 1.97 -12.69 5.56
N THR A 90 3.12 -12.08 5.26
CA THR A 90 4.39 -12.78 5.19
C THR A 90 5.19 -12.56 6.47
N LEU A 91 5.78 -13.64 6.98
CA LEU A 91 6.53 -13.60 8.24
C LEU A 91 7.93 -14.16 8.02
N ASN A 92 8.93 -13.46 8.53
CA ASN A 92 10.29 -13.98 8.54
C ASN A 92 10.54 -14.76 9.83
N LYS A 93 11.77 -15.24 10.02
CA LYS A 93 12.06 -16.04 11.20
C LYS A 93 12.00 -15.21 12.49
N GLN A 94 12.36 -13.93 12.42
CA GLN A 94 12.22 -13.08 13.61
C GLN A 94 10.75 -12.89 13.97
N GLN A 95 9.89 -12.74 12.96
CA GLN A 95 8.47 -12.55 13.21
C GLN A 95 7.81 -13.81 13.77
N ARG A 96 8.35 -14.99 13.45
CA ARG A 96 7.82 -16.23 14.03
C ARG A 96 7.93 -16.21 15.55
N ARG A 97 9.01 -15.63 16.08
CA ARG A 97 9.16 -15.51 17.52
C ARG A 97 8.30 -14.38 18.07
N SER A 98 8.26 -13.23 17.39
CA SER A 98 7.62 -12.04 17.90
C SER A 98 6.12 -11.97 17.61
N ASP A 99 5.69 -12.37 16.40
CA ASP A 99 4.34 -12.06 15.95
C ASP A 99 3.49 -13.25 15.52
N LEU A 100 4.09 -14.43 15.32
CA LEU A 100 3.36 -15.54 14.72
C LEU A 100 2.14 -15.93 15.56
N ASP A 101 2.33 -16.12 16.87
CA ASP A 101 1.23 -16.52 17.72
C ASP A 101 0.19 -15.42 17.89
N ARG A 102 0.64 -14.17 18.06
CA ARG A 102 -0.30 -13.07 18.25
C ARG A 102 -1.17 -12.86 17.01
N PHE A 103 -0.56 -12.92 15.82
CA PHE A 103 -1.31 -12.68 14.60
C PHE A 103 -2.33 -13.79 14.34
N TRP A 104 -1.94 -15.06 14.59
CA TRP A 104 -2.86 -16.15 14.32
C TRP A 104 -4.04 -16.13 15.28
N LEU A 105 -3.79 -15.83 16.56
CA LEU A 105 -4.88 -15.77 17.53
C LEU A 105 -5.80 -14.60 17.22
N GLU A 106 -5.23 -13.45 16.84
CA GLU A 106 -6.05 -12.33 16.42
C GLU A 106 -6.84 -12.65 15.16
N THR A 107 -6.24 -13.43 14.25
CA THR A 107 -6.96 -13.89 13.07
C THR A 107 -8.14 -14.77 13.46
N LEU A 108 -7.91 -15.73 14.36
CA LEU A 108 -9.00 -16.59 14.83
C LEU A 108 -10.10 -15.76 15.47
N LEU A 109 -9.73 -14.74 16.26
CA LEU A 109 -10.72 -13.90 16.91
C LEU A 109 -11.46 -13.03 15.92
N CYS A 110 -10.81 -12.65 14.81
CA CYS A 110 -11.50 -11.85 13.80
C CYS A 110 -12.55 -12.68 13.07
N LEU A 111 -12.34 -14.00 12.99
CA LEU A 111 -13.32 -14.88 12.36
C LEU A 111 -14.50 -15.17 13.28
N ILE A 112 -14.23 -15.76 14.45
CA ILE A 112 -15.32 -16.19 15.33
C ILE A 112 -16.03 -15.00 15.97
N GLY A 113 -15.38 -13.84 16.07
CA GLY A 113 -16.04 -12.66 16.59
C GLY A 113 -16.82 -11.89 15.56
N GLU A 114 -16.74 -12.27 14.28
CA GLU A 114 -17.43 -11.60 13.19
C GLU A 114 -17.09 -10.11 13.18
N SER A 115 -15.79 -9.84 13.08
CA SER A 115 -15.25 -8.49 13.22
C SER A 115 -15.34 -7.66 11.94
N PHE A 116 -15.86 -8.20 10.85
CA PHE A 116 -15.85 -7.49 9.57
C PHE A 116 -17.21 -6.93 9.20
N ASP A 117 -18.07 -6.68 10.18
CA ASP A 117 -19.34 -5.96 10.00
C ASP A 117 -20.19 -6.72 8.97
N ASP A 118 -20.77 -6.06 7.97
CA ASP A 118 -21.63 -6.74 7.01
C ASP A 118 -20.86 -7.73 6.16
N TYR A 119 -19.59 -7.46 5.92
CA TYR A 119 -18.78 -8.27 5.02
C TYR A 119 -18.20 -9.52 5.68
N SER A 120 -18.63 -9.84 6.92
CA SER A 120 -18.17 -11.07 7.54
C SER A 120 -18.78 -12.30 6.89
N ASP A 121 -19.81 -12.12 6.06
CA ASP A 121 -20.35 -13.22 5.26
C ASP A 121 -19.41 -13.64 4.14
N ASP A 122 -18.53 -12.74 3.70
CA ASP A 122 -17.58 -13.07 2.65
C ASP A 122 -16.35 -13.82 3.17
N VAL A 123 -16.18 -13.93 4.48
CA VAL A 123 -15.06 -14.67 5.04
C VAL A 123 -15.36 -16.16 4.94
N CYS A 124 -14.38 -16.92 4.45
CA CYS A 124 -14.50 -18.37 4.38
C CYS A 124 -13.66 -19.08 5.42
N GLY A 125 -12.50 -18.53 5.76
CA GLY A 125 -11.66 -19.13 6.78
C GLY A 125 -10.31 -18.44 6.81
N ALA A 126 -9.39 -19.07 7.56
CA ALA A 126 -8.05 -18.55 7.71
C ALA A 126 -7.06 -19.70 7.71
N VAL A 127 -5.85 -19.44 7.19
CA VAL A 127 -4.80 -20.45 7.09
C VAL A 127 -3.49 -19.83 7.56
N VAL A 128 -2.76 -20.57 8.41
CA VAL A 128 -1.39 -20.24 8.75
C VAL A 128 -0.48 -21.36 8.23
N ASN A 129 0.53 -20.99 7.45
CA ASN A 129 1.51 -21.93 6.93
C ASN A 129 2.81 -21.79 7.72
N VAL A 130 3.32 -22.90 8.23
CA VAL A 130 4.60 -22.93 8.93
C VAL A 130 5.63 -23.55 7.97
N ARG A 131 6.49 -22.71 7.41
CA ARG A 131 7.49 -23.14 6.44
C ARG A 131 8.87 -22.69 6.88
N ALA A 132 9.89 -23.45 6.44
CA ALA A 132 11.27 -23.08 6.74
C ALA A 132 11.67 -21.80 6.04
N LYS A 133 11.14 -21.56 4.84
CA LYS A 133 11.45 -20.37 4.05
C LYS A 133 10.66 -19.15 4.48
N GLY A 134 9.79 -19.28 5.49
CA GLY A 134 8.98 -18.17 5.95
C GLY A 134 7.54 -18.57 6.20
N ASP A 135 6.92 -18.00 7.23
CA ASP A 135 5.55 -18.33 7.58
C ASP A 135 4.58 -17.36 6.94
N LYS A 136 3.36 -17.85 6.69
CA LYS A 136 2.31 -17.05 6.08
C LYS A 136 1.03 -17.19 6.90
N ILE A 137 0.23 -16.13 6.90
CA ILE A 137 -1.10 -16.13 7.49
C ILE A 137 -2.04 -15.45 6.51
N ALA A 138 -3.18 -16.09 6.22
CA ALA A 138 -4.10 -15.59 5.22
C ALA A 138 -5.53 -15.70 5.71
N ILE A 139 -6.36 -14.74 5.31
CA ILE A 139 -7.81 -14.80 5.50
C ILE A 139 -8.44 -14.98 4.13
N TRP A 140 -9.21 -16.06 3.97
CA TRP A 140 -9.81 -16.40 2.68
C TRP A 140 -11.21 -15.80 2.57
N THR A 141 -11.50 -15.18 1.43
CA THR A 141 -12.79 -14.60 1.13
C THR A 141 -13.39 -15.29 -0.09
N THR A 142 -14.72 -15.21 -0.21
CA THR A 142 -15.43 -16.02 -1.19
C THR A 142 -15.44 -15.45 -2.60
N GLU A 143 -15.36 -14.12 -2.75
CA GLU A 143 -15.43 -13.51 -4.08
C GLU A 143 -14.34 -12.46 -4.22
N CYS A 144 -13.44 -12.67 -5.18
CA CYS A 144 -12.33 -11.74 -5.40
C CYS A 144 -12.75 -10.47 -6.12
N GLU A 145 -13.91 -10.46 -6.76
CA GLU A 145 -14.36 -9.31 -7.53
C GLU A 145 -15.22 -8.34 -6.71
N ASN A 146 -15.45 -8.62 -5.43
CA ASN A 146 -16.18 -7.70 -4.57
C ASN A 146 -15.18 -6.76 -3.92
N ARG A 147 -14.93 -5.63 -4.57
CA ARG A 147 -13.93 -4.68 -4.08
C ARG A 147 -14.32 -4.13 -2.72
N ASP A 148 -15.61 -3.84 -2.51
CA ASP A 148 -16.04 -3.28 -1.24
C ASP A 148 -15.84 -4.27 -0.11
N ALA A 149 -16.18 -5.54 -0.33
CA ALA A 149 -16.01 -6.55 0.70
C ALA A 149 -14.55 -6.84 0.96
N VAL A 150 -13.77 -7.06 -0.10
CA VAL A 150 -12.39 -7.48 0.06
C VAL A 150 -11.55 -6.39 0.71
N THR A 151 -11.68 -5.15 0.25
CA THR A 151 -10.83 -4.10 0.79
C THR A 151 -11.20 -3.75 2.22
N HIS A 152 -12.49 -3.77 2.55
CA HIS A 152 -12.88 -3.47 3.94
C HIS A 152 -12.32 -4.50 4.89
N ILE A 153 -12.36 -5.78 4.52
CA ILE A 153 -11.74 -6.81 5.33
C ILE A 153 -10.25 -6.54 5.49
N GLY A 154 -9.59 -6.12 4.40
CA GLY A 154 -8.17 -5.84 4.47
C GLY A 154 -7.85 -4.70 5.42
N ARG A 155 -8.69 -3.65 5.41
CA ARG A 155 -8.47 -2.53 6.33
C ARG A 155 -8.70 -2.96 7.76
N VAL A 156 -9.80 -3.67 8.02
CA VAL A 156 -10.08 -4.14 9.38
C VAL A 156 -8.98 -5.09 9.84
N TYR A 157 -8.56 -6.01 8.97
CA TYR A 157 -7.53 -6.98 9.35
C TYR A 157 -6.23 -6.30 9.72
N LYS A 158 -5.74 -5.42 8.84
CA LYS A 158 -4.45 -4.78 9.07
C LYS A 158 -4.44 -3.95 10.35
N GLU A 159 -5.55 -3.28 10.65
CA GLU A 159 -5.62 -2.51 11.89
C GLU A 159 -5.68 -3.43 13.11
N ARG A 160 -6.40 -4.55 12.98
CA ARG A 160 -6.49 -5.49 14.10
C ARG A 160 -5.13 -6.07 14.44
N LEU A 161 -4.33 -6.39 13.43
CA LEU A 161 -2.99 -6.91 13.67
C LEU A 161 -2.05 -5.84 14.19
N GLY A 162 -2.40 -4.57 14.04
CA GLY A 162 -1.54 -3.50 14.50
C GLY A 162 -0.44 -3.13 13.53
N LEU A 163 -0.58 -3.49 12.26
CA LEU A 163 0.47 -3.21 11.31
C LEU A 163 0.56 -1.71 11.04
N PRO A 164 1.77 -1.16 10.93
CA PRO A 164 1.93 0.28 10.71
C PRO A 164 1.74 0.63 9.24
N PRO A 165 1.48 1.90 8.92
CA PRO A 165 1.28 2.28 7.51
C PRO A 165 2.47 2.02 6.62
N LYS A 166 3.66 1.82 7.20
CA LYS A 166 4.84 1.53 6.39
C LYS A 166 4.74 0.17 5.70
N ILE A 167 3.95 -0.75 6.25
CA ILE A 167 3.77 -2.08 5.69
C ILE A 167 2.52 -2.11 4.83
N VAL A 168 2.58 -2.83 3.72
CA VAL A 168 1.45 -3.01 2.82
C VAL A 168 1.22 -4.50 2.66
N ILE A 169 -0.04 -4.91 2.69
CA ILE A 169 -0.41 -6.31 2.46
C ILE A 169 -1.21 -6.39 1.16
N GLY A 170 -1.13 -7.55 0.52
CA GLY A 170 -1.76 -7.75 -0.77
C GLY A 170 -2.84 -8.82 -0.72
N TYR A 171 -3.81 -8.69 -1.61
CA TYR A 171 -4.89 -9.66 -1.78
C TYR A 171 -4.77 -10.33 -3.14
N GLN A 172 -4.72 -11.66 -3.16
CA GLN A 172 -4.49 -12.43 -4.37
C GLN A 172 -5.68 -13.33 -4.64
N SER A 173 -6.15 -13.34 -5.89
CA SER A 173 -7.17 -14.29 -6.31
C SER A 173 -6.58 -15.70 -6.31
N HIS A 174 -7.39 -16.67 -5.87
CA HIS A 174 -6.96 -18.07 -5.88
C HIS A 174 -6.68 -18.57 -7.29
N ALA A 175 -7.42 -18.08 -8.29
CA ALA A 175 -7.18 -18.51 -9.67
C ALA A 175 -5.79 -18.09 -10.13
N ASP A 176 -5.35 -16.89 -9.74
CA ASP A 176 -4.00 -16.45 -10.07
C ASP A 176 -2.94 -17.28 -9.33
N THR A 177 -3.23 -17.64 -8.07
CA THR A 177 -2.26 -18.39 -7.26
C THR A 177 -1.96 -19.76 -7.85
N ALA A 178 -2.99 -20.43 -8.37
CA ALA A 178 -2.80 -21.75 -8.97
C ALA A 178 -2.00 -21.69 -10.26
N LYS A 186 0.02 -12.19 -8.60
CA LYS A 186 -0.31 -10.77 -8.62
C LYS A 186 -1.30 -10.40 -7.52
N ASN A 187 -1.29 -9.13 -7.13
CA ASN A 187 -2.16 -8.62 -6.08
C ASN A 187 -3.35 -7.92 -6.71
N ARG A 188 -4.57 -8.39 -6.41
CA ARG A 188 -5.75 -7.71 -6.92
C ARG A 188 -5.99 -6.39 -6.20
N PHE A 189 -5.73 -6.36 -4.89
CA PHE A 189 -5.86 -5.16 -4.10
C PHE A 189 -4.71 -5.10 -3.10
N VAL A 190 -4.46 -3.90 -2.58
CA VAL A 190 -3.46 -3.68 -1.54
C VAL A 190 -4.01 -2.67 -0.56
N VAL A 191 -3.65 -2.86 0.71
CA VAL A 191 -4.16 -1.98 1.77
C VAL A 191 -3.08 -1.68 2.81
N ASN B 4 -31.62 38.20 -17.41
CA ASN B 4 -31.21 36.83 -17.07
C ASN B 4 -29.70 36.78 -16.84
N PRO B 5 -29.30 36.49 -15.60
CA PRO B 5 -27.86 36.50 -15.28
C PRO B 5 -27.07 35.41 -16.00
N GLU B 6 -27.68 34.24 -16.22
CA GLU B 6 -26.96 33.10 -16.80
C GLU B 6 -26.16 33.48 -18.03
N HIS B 7 -26.80 34.21 -18.96
CA HIS B 7 -26.16 34.46 -20.26
C HIS B 7 -25.01 35.46 -20.19
N TYR B 8 -24.85 36.24 -19.12
CA TYR B 8 -23.80 37.26 -19.13
C TYR B 8 -22.90 37.33 -17.89
N ILE B 9 -23.16 36.59 -16.82
CA ILE B 9 -22.33 36.65 -15.63
C ILE B 9 -21.35 35.48 -15.61
N LYS B 10 -20.11 35.76 -15.22
CA LYS B 10 -19.14 34.69 -15.01
C LYS B 10 -19.54 33.87 -13.79
N HIS B 11 -19.12 32.60 -13.78
CA HIS B 11 -19.52 31.69 -12.72
C HIS B 11 -18.49 31.70 -11.59
N PRO B 12 -18.83 32.21 -10.42
CA PRO B 12 -17.83 32.31 -9.35
C PRO B 12 -17.48 30.96 -8.76
N LEU B 13 -16.24 30.84 -8.30
CA LEU B 13 -15.78 29.64 -7.62
C LEU B 13 -15.98 29.76 -6.12
N GLN B 14 -16.03 28.60 -5.45
CA GLN B 14 -16.17 28.58 -4.00
C GLN B 14 -15.03 29.31 -3.32
N ASN B 15 -13.82 29.17 -3.86
CA ASN B 15 -12.65 29.84 -3.30
C ASN B 15 -11.95 30.66 -4.38
N ARG B 16 -11.07 31.55 -3.93
CA ARG B 16 -10.17 32.27 -4.79
C ARG B 16 -8.80 31.59 -4.74
N TRP B 17 -8.21 31.38 -5.91
CA TRP B 17 -6.99 30.58 -6.03
C TRP B 17 -5.86 31.42 -6.61
N ALA B 18 -4.64 31.04 -6.25
CA ALA B 18 -3.42 31.70 -6.72
C ALA B 18 -2.50 30.69 -7.35
N LEU B 19 -2.08 30.95 -8.59
CA LEU B 19 -1.17 30.07 -9.31
C LEU B 19 0.25 30.61 -9.20
N TRP B 20 1.16 29.74 -8.76
CA TRP B 20 2.56 30.09 -8.55
C TRP B 20 3.46 29.36 -9.54
N PHE B 21 4.59 29.98 -9.84
CA PHE B 21 5.62 29.39 -10.68
C PHE B 21 6.94 29.41 -9.93
N PHE B 22 7.74 28.36 -10.15
CA PHE B 22 9.05 28.22 -9.54
C PHE B 22 10.01 27.72 -10.59
N LYS B 23 11.15 28.39 -10.74
CA LYS B 23 12.23 27.97 -11.62
C LYS B 23 13.51 27.90 -10.81
N ASN B 24 14.30 26.86 -11.06
CA ASN B 24 15.45 26.62 -10.20
C ASN B 24 16.63 27.44 -10.70
N ASP B 25 17.05 28.40 -9.88
CA ASP B 25 18.16 29.30 -10.19
C ASP B 25 19.11 29.25 -9.01
N LYS B 26 20.30 28.70 -9.23
CA LYS B 26 21.26 28.59 -8.15
C LYS B 26 21.78 29.95 -7.70
N SER B 27 21.57 31.00 -8.51
CA SER B 27 21.94 32.35 -8.10
C SER B 27 21.15 32.85 -6.89
N LYS B 28 19.95 32.31 -6.65
CA LYS B 28 19.08 32.84 -5.62
C LYS B 28 18.73 31.80 -4.57
N THR B 29 18.16 32.28 -3.48
CA THR B 29 17.58 31.42 -2.47
C THR B 29 16.29 30.81 -3.01
N TRP B 30 15.80 29.77 -2.32
CA TRP B 30 14.61 29.08 -2.79
C TRP B 30 13.39 30.00 -2.81
N GLN B 31 13.23 30.84 -1.78
CA GLN B 31 12.08 31.74 -1.72
C GLN B 31 12.12 32.78 -2.84
N ALA B 32 13.31 33.19 -3.28
CA ALA B 32 13.41 34.22 -4.30
C ALA B 32 13.04 33.70 -5.69
N ASN B 33 13.00 32.39 -5.88
CA ASN B 33 12.64 31.79 -7.15
C ASN B 33 11.14 31.48 -7.25
N LEU B 34 10.37 31.73 -6.19
CA LEU B 34 8.93 31.59 -6.23
C LEU B 34 8.29 32.86 -6.77
N ARG B 35 7.47 32.71 -7.82
CA ARG B 35 6.79 33.84 -8.45
C ARG B 35 5.31 33.52 -8.58
N LEU B 36 4.47 34.51 -8.26
CA LEU B 36 3.03 34.36 -8.42
C LEU B 36 2.64 34.74 -9.84
N ILE B 37 1.92 33.84 -10.51
CA ILE B 37 1.51 34.09 -11.89
C ILE B 37 0.24 34.92 -11.92
N SER B 38 -0.84 34.40 -11.36
CA SER B 38 -2.13 35.05 -11.46
C SER B 38 -3.07 34.52 -10.39
N LYS B 39 -4.12 35.29 -10.13
CA LYS B 39 -5.19 34.88 -9.24
C LYS B 39 -6.51 34.89 -10.00
N PHE B 40 -7.43 34.00 -9.61
CA PHE B 40 -8.71 33.89 -10.29
C PHE B 40 -9.75 33.37 -9.31
N ASP B 41 -11.02 33.71 -9.57
CA ASP B 41 -12.11 33.20 -8.76
C ASP B 41 -13.36 32.87 -9.58
N THR B 42 -13.24 32.72 -10.89
CA THR B 42 -14.35 32.33 -11.76
C THR B 42 -13.92 31.17 -12.63
N VAL B 43 -14.92 30.44 -13.13
CA VAL B 43 -14.68 29.31 -14.05
C VAL B 43 -13.97 29.80 -15.30
N GLU B 44 -14.45 30.91 -15.86
CA GLU B 44 -13.90 31.44 -17.11
C GLU B 44 -12.46 31.89 -16.94
N ASP B 45 -12.16 32.57 -15.82
CA ASP B 45 -10.79 33.07 -15.63
C ASP B 45 -9.81 31.94 -15.40
N PHE B 46 -10.25 30.84 -14.79
CA PHE B 46 -9.37 29.69 -14.61
C PHE B 46 -8.96 29.11 -15.98
N TRP B 47 -9.95 28.90 -16.85
CA TRP B 47 -9.66 28.31 -18.15
C TRP B 47 -8.87 29.25 -19.05
N ALA B 48 -9.11 30.56 -18.93
CA ALA B 48 -8.28 31.50 -19.68
C ALA B 48 -6.82 31.41 -19.25
N LEU B 49 -6.58 31.31 -17.94
CA LEU B 49 -5.21 31.18 -17.45
C LEU B 49 -4.61 29.84 -17.83
N TYR B 50 -5.39 28.76 -17.69
CA TYR B 50 -4.86 27.42 -17.98
C TYR B 50 -4.46 27.29 -19.45
N ASN B 51 -5.26 27.85 -20.36
CA ASN B 51 -4.97 27.78 -21.78
C ASN B 51 -3.85 28.70 -22.20
N HIS B 52 -3.39 29.58 -21.32
CA HIS B 52 -2.36 30.56 -21.63
C HIS B 52 -0.96 30.11 -21.20
N ILE B 53 -0.87 29.15 -20.29
CA ILE B 53 0.41 28.73 -19.73
C ILE B 53 0.81 27.38 -20.32
N GLN B 54 2.11 27.07 -20.19
CA GLN B 54 2.65 25.83 -20.72
C GLN B 54 2.10 24.63 -19.96
N LEU B 55 2.01 23.50 -20.65
CA LEU B 55 1.75 22.26 -19.96
C LEU B 55 2.99 21.86 -19.16
N SER B 56 2.76 21.20 -18.03
CA SER B 56 3.87 20.82 -17.17
C SER B 56 4.78 19.80 -17.84
N SER B 57 4.23 18.98 -18.74
CA SER B 57 5.05 18.10 -19.57
C SER B 57 6.12 18.87 -20.32
N ASN B 58 5.84 20.12 -20.69
CA ASN B 58 6.73 20.92 -21.54
C ASN B 58 7.53 21.95 -20.74
N LEU B 59 7.57 21.83 -19.42
CA LEU B 59 8.43 22.66 -18.59
C LEU B 59 9.83 22.05 -18.50
N MET B 60 10.83 22.92 -18.37
CA MET B 60 12.18 22.44 -18.14
C MET B 60 12.27 21.77 -16.77
N PRO B 61 13.13 20.77 -16.63
CA PRO B 61 13.32 20.16 -15.30
C PRO B 61 13.77 21.21 -14.29
N GLY B 62 13.30 21.06 -13.05
CA GLY B 62 13.58 22.04 -12.03
C GLY B 62 12.58 23.17 -11.89
N CYS B 63 11.37 23.02 -12.47
CA CYS B 63 10.31 24.00 -12.35
C CYS B 63 9.07 23.39 -11.70
N ASP B 64 8.27 24.25 -11.08
CA ASP B 64 7.09 23.82 -10.35
C ASP B 64 5.89 24.69 -10.72
N TYR B 65 4.72 24.08 -10.64
CA TYR B 65 3.45 24.79 -10.65
C TYR B 65 2.79 24.61 -9.29
N SER B 66 2.24 25.68 -8.74
CA SER B 66 1.53 25.61 -7.46
C SER B 66 0.22 26.37 -7.57
N LEU B 67 -0.87 25.73 -7.15
CA LEU B 67 -2.17 26.37 -7.01
C LEU B 67 -2.58 26.26 -5.55
N PHE B 68 -2.71 27.40 -4.88
CA PHE B 68 -3.04 27.45 -3.47
C PHE B 68 -4.20 28.41 -3.24
N LYS B 69 -4.94 28.17 -2.16
CA LYS B 69 -5.99 29.09 -1.78
C LYS B 69 -5.41 30.46 -1.45
N ASP B 70 -6.14 31.51 -1.81
CA ASP B 70 -5.70 32.86 -1.51
C ASP B 70 -5.50 33.03 -0.01
N GLY B 71 -4.30 33.48 0.37
CA GLY B 71 -3.95 33.62 1.76
C GLY B 71 -3.00 32.54 2.28
N ILE B 72 -2.77 31.48 1.51
CA ILE B 72 -1.84 30.42 1.88
C ILE B 72 -0.67 30.47 0.90
N GLU B 73 0.53 30.61 1.43
CA GLU B 73 1.64 30.63 0.49
C GLU B 73 2.14 29.22 0.19
N PRO B 74 2.72 28.99 -0.99
CA PRO B 74 3.21 27.64 -1.31
C PRO B 74 4.49 27.29 -0.58
N MET B 75 4.48 27.43 0.74
CA MET B 75 5.61 27.11 1.60
C MET B 75 5.13 26.23 2.74
N TRP B 76 5.95 25.24 3.11
CA TRP B 76 5.62 24.44 4.28
C TRP B 76 5.69 25.25 5.56
N GLU B 77 6.39 26.39 5.55
CA GLU B 77 6.47 27.25 6.72
C GLU B 77 5.15 27.96 7.00
N ASP B 78 4.24 28.02 6.04
CA ASP B 78 3.00 28.76 6.22
C ASP B 78 2.22 28.24 7.42
N GLU B 79 1.47 29.14 8.06
CA GLU B 79 0.72 28.76 9.25
C GLU B 79 -0.26 27.62 8.94
N LYS B 80 -0.86 27.65 7.76
CA LYS B 80 -1.81 26.61 7.37
C LYS B 80 -1.13 25.38 6.77
N ASN B 81 0.21 25.37 6.68
CA ASN B 81 0.93 24.24 6.11
C ASN B 81 1.85 23.54 7.08
N LYS B 82 2.27 24.21 8.17
CA LYS B 82 3.29 23.65 9.05
C LYS B 82 2.83 22.37 9.73
N ARG B 83 1.56 22.32 10.13
CA ARG B 83 1.01 21.16 10.82
C ARG B 83 0.34 20.17 9.88
N GLY B 84 0.61 20.26 8.58
CA GLY B 84 -0.05 19.43 7.59
C GLY B 84 0.86 18.48 6.84
N GLY B 85 0.39 18.00 5.70
CA GLY B 85 1.15 17.07 4.90
C GLY B 85 0.62 17.05 3.49
N ARG B 86 1.06 16.03 2.73
CA ARG B 86 0.68 15.94 1.33
C ARG B 86 0.45 14.49 0.92
N TRP B 87 -0.56 14.28 0.08
CA TRP B 87 -0.71 13.02 -0.64
C TRP B 87 0.17 13.09 -1.88
N LEU B 88 1.09 12.15 -2.02
CA LEU B 88 2.15 12.23 -3.01
C LEU B 88 1.89 11.24 -4.15
N ILE B 89 2.19 11.68 -5.37
CA ILE B 89 2.11 10.85 -6.56
C ILE B 89 3.47 10.91 -7.24
N THR B 90 4.11 9.74 -7.40
CA THR B 90 5.40 9.65 -8.04
C THR B 90 5.23 9.26 -9.50
N LEU B 91 5.96 9.93 -10.37
CA LEU B 91 5.86 9.70 -11.81
C LEU B 91 7.25 9.40 -12.36
N ASN B 92 7.35 8.34 -13.17
CA ASN B 92 8.59 8.06 -13.88
C ASN B 92 8.56 8.80 -15.21
N LYS B 93 9.60 8.59 -16.03
CA LYS B 93 9.68 9.30 -17.30
C LYS B 93 8.58 8.85 -18.26
N GLN B 94 8.17 7.59 -18.19
CA GLN B 94 7.07 7.13 -19.04
C GLN B 94 5.77 7.79 -18.66
N GLN B 95 5.54 7.98 -17.35
CA GLN B 95 4.31 8.62 -16.90
C GLN B 95 4.28 10.11 -17.25
N ARG B 96 5.45 10.74 -17.39
CA ARG B 96 5.49 12.14 -17.81
C ARG B 96 4.82 12.33 -19.17
N ARG B 97 4.98 11.35 -20.06
CA ARG B 97 4.31 11.41 -21.35
C ARG B 97 2.84 11.04 -21.26
N SER B 98 2.53 9.99 -20.49
CA SER B 98 1.20 9.38 -20.45
C SER B 98 0.24 10.04 -19.47
N ASP B 99 0.71 10.42 -18.28
CA ASP B 99 -0.21 10.78 -17.20
C ASP B 99 0.02 12.15 -16.59
N LEU B 100 1.16 12.81 -16.84
CA LEU B 100 1.48 14.03 -16.12
C LEU B 100 0.44 15.11 -16.36
N ASP B 101 0.11 15.37 -17.63
CA ASP B 101 -0.83 16.45 -17.93
C ASP B 101 -2.23 16.12 -17.44
N ARG B 102 -2.69 14.88 -17.61
CA ARG B 102 -4.02 14.51 -17.16
C ARG B 102 -4.13 14.59 -15.64
N PHE B 103 -3.09 14.12 -14.93
CA PHE B 103 -3.15 14.11 -13.47
C PHE B 103 -3.15 15.52 -12.90
N TRP B 104 -2.35 16.42 -13.47
CA TRP B 104 -2.30 17.77 -12.93
C TRP B 104 -3.61 18.51 -13.16
N LEU B 105 -4.21 18.36 -14.34
CA LEU B 105 -5.47 19.03 -14.62
C LEU B 105 -6.59 18.46 -13.78
N GLU B 106 -6.61 17.13 -13.60
CA GLU B 106 -7.58 16.52 -12.71
C GLU B 106 -7.37 16.98 -11.26
N THR B 107 -6.10 17.17 -10.87
CA THR B 107 -5.81 17.73 -9.56
C THR B 107 -6.36 19.13 -9.43
N LEU B 108 -6.12 19.97 -10.44
CA LEU B 108 -6.65 21.34 -10.43
C LEU B 108 -8.17 21.34 -10.32
N LEU B 109 -8.84 20.42 -11.03
CA LEU B 109 -10.30 20.36 -10.98
C LEU B 109 -10.79 19.87 -9.63
N CYS B 110 -10.03 19.01 -8.94
CA CYS B 110 -10.45 18.58 -7.61
C CYS B 110 -10.34 19.71 -6.60
N LEU B 111 -9.45 20.66 -6.84
CA LEU B 111 -9.33 21.82 -5.96
C LEU B 111 -10.46 22.81 -6.20
N ILE B 112 -10.54 23.34 -7.43
CA ILE B 112 -11.52 24.38 -7.72
C ILE B 112 -12.94 23.85 -7.72
N GLY B 113 -13.12 22.56 -7.97
CA GLY B 113 -14.44 21.96 -7.90
C GLY B 113 -14.87 21.53 -6.52
N GLU B 114 -13.97 21.62 -5.53
CA GLU B 114 -14.25 21.21 -4.16
C GLU B 114 -14.78 19.78 -4.13
N SER B 115 -13.95 18.87 -4.64
CA SER B 115 -14.34 17.49 -4.87
C SER B 115 -14.25 16.61 -3.63
N PHE B 116 -13.82 17.14 -2.48
CA PHE B 116 -13.63 16.33 -1.29
C PHE B 116 -14.71 16.56 -0.24
N ASP B 117 -15.89 16.99 -0.66
CA ASP B 117 -17.08 17.11 0.19
C ASP B 117 -16.79 18.11 1.31
N ASP B 118 -17.11 17.80 2.56
CA ASP B 118 -16.90 18.75 3.65
C ASP B 118 -15.42 19.00 3.90
N TYR B 119 -14.58 18.01 3.61
CA TYR B 119 -13.16 18.10 3.92
C TYR B 119 -12.37 18.89 2.88
N SER B 120 -13.04 19.57 1.94
CA SER B 120 -12.31 20.41 1.00
C SER B 120 -11.75 21.66 1.67
N ASP B 121 -12.22 21.98 2.88
CA ASP B 121 -11.62 23.07 3.64
C ASP B 121 -10.25 22.72 4.18
N ASP B 122 -9.96 21.42 4.34
CA ASP B 122 -8.64 21.00 4.80
C ASP B 122 -7.61 20.96 3.68
N VAL B 123 -8.03 21.13 2.44
CA VAL B 123 -7.10 21.20 1.31
C VAL B 123 -6.50 22.60 1.28
N CYS B 124 -5.18 22.66 1.13
CA CYS B 124 -4.46 23.93 1.08
C CYS B 124 -4.00 24.29 -0.32
N GLY B 125 -3.64 23.30 -1.13
CA GLY B 125 -3.24 23.55 -2.49
C GLY B 125 -2.64 22.29 -3.10
N ALA B 126 -2.05 22.47 -4.28
CA ALA B 126 -1.44 21.37 -5.02
C ALA B 126 -0.15 21.83 -5.68
N VAL B 127 0.81 20.91 -5.79
CA VAL B 127 2.12 21.20 -6.38
C VAL B 127 2.50 20.07 -7.33
N VAL B 128 2.96 20.43 -8.53
CA VAL B 128 3.58 19.48 -9.45
C VAL B 128 5.05 19.87 -9.62
N ASN B 129 5.93 18.91 -9.39
CA ASN B 129 7.37 19.09 -9.58
C ASN B 129 7.80 18.36 -10.83
N VAL B 130 8.47 19.07 -11.73
CA VAL B 130 9.03 18.48 -12.94
C VAL B 130 10.53 18.36 -12.73
N ARG B 131 11.00 17.13 -12.51
CA ARG B 131 12.40 16.88 -12.22
C ARG B 131 12.95 15.84 -13.19
N ALA B 132 14.26 15.89 -13.41
CA ALA B 132 14.90 14.90 -14.26
C ALA B 132 14.86 13.51 -13.64
N LYS B 133 14.92 13.43 -12.31
CA LYS B 133 14.87 12.16 -11.60
C LYS B 133 13.46 11.63 -11.41
N GLY B 134 12.45 12.33 -11.89
CA GLY B 134 11.07 11.91 -11.76
C GLY B 134 10.18 13.06 -11.35
N ASP B 135 8.95 13.04 -11.86
CA ASP B 135 7.98 14.09 -11.57
C ASP B 135 7.13 13.71 -10.36
N LYS B 136 6.63 14.72 -9.66
CA LYS B 136 5.79 14.53 -8.49
C LYS B 136 4.55 15.40 -8.61
N ILE B 137 3.45 14.90 -8.03
CA ILE B 137 2.20 15.66 -7.90
C ILE B 137 1.68 15.43 -6.50
N ALA B 138 1.32 16.50 -5.80
CA ALA B 138 0.88 16.40 -4.41
C ALA B 138 -0.31 17.32 -4.15
N ILE B 139 -1.19 16.87 -3.26
CA ILE B 139 -2.27 17.70 -2.73
C ILE B 139 -1.95 17.99 -1.27
N TRP B 140 -1.88 19.26 -0.91
CA TRP B 140 -1.46 19.65 0.42
C TRP B 140 -2.64 19.77 1.37
N THR B 141 -2.47 19.26 2.58
CA THR B 141 -3.50 19.24 3.61
C THR B 141 -3.04 20.08 4.80
N THR B 142 -4.01 20.63 5.54
CA THR B 142 -3.67 21.59 6.58
C THR B 142 -3.29 20.93 7.91
N GLU B 143 -3.82 19.75 8.21
CA GLU B 143 -3.54 19.07 9.47
C GLU B 143 -3.28 17.61 9.19
N CYS B 144 -2.07 17.14 9.55
CA CYS B 144 -1.72 15.75 9.32
C CYS B 144 -2.35 14.79 10.31
N GLU B 145 -2.84 15.29 11.45
CA GLU B 145 -3.42 14.45 12.49
C GLU B 145 -4.94 14.29 12.33
N ASN B 146 -5.53 14.88 11.31
CA ASN B 146 -6.96 14.69 11.03
C ASN B 146 -7.08 13.45 10.15
N ARG B 147 -7.21 12.29 10.79
CA ARG B 147 -7.23 11.03 10.05
C ARG B 147 -8.44 10.96 9.12
N ASP B 148 -9.62 11.41 9.59
CA ASP B 148 -10.81 11.34 8.76
C ASP B 148 -10.69 12.27 7.55
N ALA B 149 -10.17 13.47 7.75
CA ALA B 149 -10.01 14.41 6.64
C ALA B 149 -8.96 13.90 5.66
N VAL B 150 -7.81 13.47 6.18
CA VAL B 150 -6.71 13.05 5.30
C VAL B 150 -7.09 11.81 4.52
N THR B 151 -7.71 10.83 5.18
CA THR B 151 -8.03 9.58 4.49
C THR B 151 -9.11 9.78 3.44
N HIS B 152 -10.11 10.62 3.72
CA HIS B 152 -11.15 10.86 2.73
C HIS B 152 -10.59 11.55 1.48
N ILE B 153 -9.69 12.52 1.67
CA ILE B 153 -9.04 13.16 0.52
C ILE B 153 -8.27 12.13 -0.30
N GLY B 154 -7.55 11.24 0.37
CA GLY B 154 -6.75 10.25 -0.35
C GLY B 154 -7.58 9.26 -1.14
N ARG B 155 -8.71 8.82 -0.58
CA ARG B 155 -9.56 7.86 -1.29
C ARG B 155 -10.22 8.49 -2.51
N VAL B 156 -10.79 9.69 -2.35
CA VAL B 156 -11.42 10.37 -3.48
C VAL B 156 -10.38 10.72 -4.54
N TYR B 157 -9.21 11.20 -4.10
CA TYR B 157 -8.16 11.59 -5.04
C TYR B 157 -7.72 10.40 -5.89
N LYS B 158 -7.40 9.28 -5.24
CA LYS B 158 -6.87 8.12 -5.97
C LYS B 158 -7.87 7.61 -6.99
N GLU B 159 -9.16 7.62 -6.65
CA GLU B 159 -10.17 7.19 -7.61
C GLU B 159 -10.35 8.22 -8.73
N ARG B 160 -10.24 9.51 -8.40
CA ARG B 160 -10.38 10.54 -9.43
C ARG B 160 -9.28 10.43 -10.48
N LEU B 161 -8.06 10.11 -10.06
CA LEU B 161 -6.95 9.93 -10.98
C LEU B 161 -7.05 8.65 -11.78
N GLY B 162 -7.89 7.71 -11.34
CA GLY B 162 -7.99 6.44 -12.04
C GLY B 162 -6.92 5.44 -11.69
N LEU B 163 -6.24 5.62 -10.56
CA LEU B 163 -5.17 4.71 -10.19
C LEU B 163 -5.75 3.35 -9.83
N PRO B 164 -5.08 2.25 -10.19
CA PRO B 164 -5.64 0.92 -9.95
C PRO B 164 -5.46 0.52 -8.50
N PRO B 165 -6.28 -0.42 -8.02
CA PRO B 165 -6.19 -0.84 -6.61
C PRO B 165 -4.89 -1.51 -6.23
N LYS B 166 -4.10 -2.01 -7.18
CA LYS B 166 -2.86 -2.70 -6.84
C LYS B 166 -1.78 -1.77 -6.30
N ILE B 167 -1.82 -0.48 -6.64
CA ILE B 167 -0.85 0.50 -6.15
C ILE B 167 -1.44 1.31 -5.00
N VAL B 168 -0.56 1.77 -4.11
CA VAL B 168 -0.93 2.63 -2.98
C VAL B 168 -0.17 3.95 -3.07
N ILE B 169 -0.82 5.03 -2.69
CA ILE B 169 -0.20 6.34 -2.57
C ILE B 169 -0.10 6.66 -1.09
N GLY B 170 0.90 7.46 -0.73
CA GLY B 170 1.20 7.75 0.66
C GLY B 170 1.02 9.21 1.00
N TYR B 171 0.73 9.46 2.27
CA TYR B 171 0.59 10.81 2.82
C TYR B 171 1.72 11.04 3.82
N GLN B 172 2.49 12.11 3.61
CA GLN B 172 3.67 12.41 4.39
C GLN B 172 3.51 13.74 5.09
N SER B 173 3.86 13.78 6.38
CA SER B 173 3.88 15.03 7.12
C SER B 173 4.95 15.96 6.56
N HIS B 174 4.62 17.26 6.48
CA HIS B 174 5.62 18.23 6.05
C HIS B 174 6.77 18.32 7.04
N ALA B 175 6.49 18.12 8.33
CA ALA B 175 7.55 18.13 9.32
C ALA B 175 8.53 16.99 9.10
N ASP B 176 8.03 15.82 8.70
CA ASP B 176 8.93 14.71 8.41
C ASP B 176 9.79 14.99 7.19
N THR B 177 9.21 15.60 6.16
CA THR B 177 9.96 15.92 4.95
C THR B 177 11.03 16.97 5.21
N ALA B 178 10.73 17.95 6.06
CA ALA B 178 11.71 19.00 6.37
C ALA B 178 12.90 18.46 7.15
N THR B 179 12.68 17.53 8.06
CA THR B 179 13.75 16.96 8.87
C THR B 179 14.29 15.67 8.25
N THR B 185 10.07 10.69 4.43
CA THR B 185 10.42 9.49 5.20
C THR B 185 9.26 8.50 5.18
N LYS B 186 8.74 8.19 6.36
CA LYS B 186 7.65 7.24 6.50
C LYS B 186 6.33 7.86 6.04
N ASN B 187 5.37 6.99 5.70
CA ASN B 187 4.05 7.41 5.26
C ASN B 187 3.11 7.36 6.46
N ARG B 188 2.47 8.50 6.76
CA ARG B 188 1.51 8.52 7.86
C ARG B 188 0.24 7.78 7.50
N PHE B 189 -0.17 7.84 6.24
CA PHE B 189 -1.33 7.11 5.76
C PHE B 189 -1.03 6.53 4.38
N VAL B 190 -1.79 5.51 4.01
CA VAL B 190 -1.71 4.89 2.68
C VAL B 190 -3.11 4.52 2.25
N VAL B 191 -3.39 4.66 0.95
CA VAL B 191 -4.71 4.34 0.43
C VAL B 191 -4.59 3.67 -0.93
N GLU C 6 7.10 34.44 -19.11
CA GLU C 6 8.38 34.10 -19.72
C GLU C 6 8.50 32.60 -19.96
N HIS C 7 9.10 31.91 -19.00
CA HIS C 7 9.40 30.49 -19.11
C HIS C 7 8.16 29.60 -19.02
N TYR C 8 7.01 30.17 -18.69
CA TYR C 8 5.80 29.40 -18.45
C TYR C 8 4.63 29.82 -19.32
N ILE C 9 4.77 30.88 -20.11
CA ILE C 9 3.70 31.35 -20.99
C ILE C 9 3.97 30.79 -22.38
N LYS C 10 2.92 30.29 -23.03
CA LYS C 10 3.04 29.85 -24.41
C LYS C 10 3.24 31.06 -25.32
N HIS C 11 3.87 30.81 -26.47
CA HIS C 11 4.20 31.88 -27.41
C HIS C 11 3.04 32.04 -28.38
N PRO C 12 2.30 33.14 -28.33
CA PRO C 12 1.11 33.27 -29.18
C PRO C 12 1.48 33.51 -30.64
N LEU C 13 0.63 33.01 -31.52
CA LEU C 13 0.79 33.26 -32.94
C LEU C 13 0.06 34.54 -33.33
N GLN C 14 0.48 35.12 -34.46
CA GLN C 14 -0.18 36.32 -34.96
C GLN C 14 -1.66 36.06 -35.23
N ASN C 15 -1.98 34.89 -35.77
CA ASN C 15 -3.34 34.52 -36.07
C ASN C 15 -3.68 33.18 -35.42
N ARG C 16 -4.98 32.90 -35.37
CA ARG C 16 -5.47 31.59 -34.97
C ARG C 16 -5.83 30.80 -36.22
N TRP C 17 -5.38 29.55 -36.28
CA TRP C 17 -5.50 28.73 -37.48
C TRP C 17 -6.34 27.50 -37.21
N ALA C 18 -6.97 27.00 -38.26
CA ALA C 18 -7.80 25.80 -38.21
C ALA C 18 -7.30 24.80 -39.23
N LEU C 19 -7.00 23.59 -38.77
CA LEU C 19 -6.52 22.52 -39.64
C LEU C 19 -7.70 21.64 -40.03
N TRP C 20 -7.87 21.43 -41.32
CA TRP C 20 -8.97 20.64 -41.84
C TRP C 20 -8.47 19.35 -42.45
N PHE C 21 -9.32 18.32 -42.43
CA PHE C 21 -9.02 17.07 -43.11
C PHE C 21 -10.16 16.73 -44.05
N PHE C 22 -9.77 16.15 -45.19
CA PHE C 22 -10.66 15.75 -46.25
C PHE C 22 -10.19 14.39 -46.73
N LYS C 23 -11.02 13.36 -46.52
CA LYS C 23 -10.82 12.04 -47.08
C LYS C 23 -12.12 11.80 -47.81
N ASN C 24 -12.08 11.47 -49.09
CA ASN C 24 -13.31 11.57 -49.85
C ASN C 24 -13.81 10.14 -50.16
N ASP C 25 -15.06 9.87 -49.77
CA ASP C 25 -15.78 8.61 -50.04
C ASP C 25 -16.97 8.96 -50.91
N LYS C 26 -17.09 8.31 -52.08
CA LYS C 26 -18.14 8.69 -53.02
C LYS C 26 -19.54 8.49 -52.45
N SER C 27 -19.67 7.74 -51.35
CA SER C 27 -20.96 7.59 -50.69
C SER C 27 -21.51 8.91 -50.16
N LYS C 28 -20.65 9.91 -49.95
CA LYS C 28 -21.05 11.18 -49.35
C LYS C 28 -20.80 12.32 -50.33
N THR C 29 -21.39 13.47 -50.02
CA THR C 29 -21.15 14.68 -50.80
C THR C 29 -19.77 15.25 -50.51
N TRP C 30 -19.33 16.15 -51.40
CA TRP C 30 -18.01 16.75 -51.23
C TRP C 30 -17.94 17.61 -49.98
N GLN C 31 -18.98 18.41 -49.70
CA GLN C 31 -18.95 19.26 -48.52
C GLN C 31 -19.00 18.45 -47.24
N ALA C 32 -19.65 17.28 -47.26
CA ALA C 32 -19.82 16.47 -46.06
C ALA C 32 -18.55 15.74 -45.64
N ASN C 33 -17.57 15.59 -46.53
CA ASN C 33 -16.33 14.91 -46.18
C ASN C 33 -15.25 15.85 -45.69
N LEU C 34 -15.50 17.15 -45.67
CA LEU C 34 -14.56 18.10 -45.08
C LEU C 34 -14.77 18.16 -43.58
N ARG C 35 -13.71 17.92 -42.82
CA ARG C 35 -13.81 17.86 -41.37
C ARG C 35 -12.76 18.75 -40.73
N LEU C 36 -13.18 19.45 -39.67
CA LEU C 36 -12.30 20.30 -38.90
C LEU C 36 -11.60 19.46 -37.84
N ILE C 37 -10.27 19.51 -37.83
CA ILE C 37 -9.51 18.71 -36.87
C ILE C 37 -9.42 19.43 -35.52
N SER C 38 -8.75 20.57 -35.51
CA SER C 38 -8.50 21.33 -34.29
C SER C 38 -8.05 22.73 -34.68
N LYS C 39 -8.11 23.64 -33.71
CA LYS C 39 -7.62 25.00 -33.88
C LYS C 39 -6.53 25.31 -32.86
N PHE C 40 -5.62 26.20 -33.24
CA PHE C 40 -4.49 26.57 -32.39
C PHE C 40 -4.10 28.00 -32.67
N ASP C 41 -3.46 28.63 -31.69
CA ASP C 41 -2.95 29.99 -31.88
C ASP C 41 -1.61 30.20 -31.19
N THR C 42 -0.91 29.13 -30.82
CA THR C 42 0.44 29.21 -30.26
C THR C 42 1.34 28.23 -31.00
N VAL C 43 2.64 28.50 -30.96
CA VAL C 43 3.61 27.59 -31.57
C VAL C 43 3.57 26.22 -30.88
N GLU C 44 3.44 26.23 -29.55
CA GLU C 44 3.43 24.96 -28.81
C GLU C 44 2.23 24.11 -29.21
N ASP C 45 1.06 24.73 -29.37
CA ASP C 45 -0.11 23.97 -29.76
C ASP C 45 0.00 23.48 -31.20
N PHE C 46 0.72 24.22 -32.05
CA PHE C 46 0.94 23.79 -33.43
C PHE C 46 1.77 22.53 -33.48
N TRP C 47 2.90 22.51 -32.76
CA TRP C 47 3.80 21.36 -32.81
C TRP C 47 3.18 20.13 -32.15
N ALA C 48 2.39 20.32 -31.10
CA ALA C 48 1.69 19.19 -30.51
C ALA C 48 0.73 18.57 -31.52
N LEU C 49 -0.01 19.41 -32.26
CA LEU C 49 -0.92 18.90 -33.27
C LEU C 49 -0.14 18.28 -34.43
N TYR C 50 0.91 18.94 -34.88
CA TYR C 50 1.68 18.45 -36.02
C TYR C 50 2.34 17.11 -35.70
N ASN C 51 2.85 16.94 -34.48
CA ASN C 51 3.53 15.70 -34.12
C ASN C 51 2.57 14.55 -33.89
N HIS C 52 1.26 14.81 -33.81
CA HIS C 52 0.29 13.75 -33.56
C HIS C 52 -0.38 13.23 -34.82
N ILE C 53 -0.31 13.95 -35.93
CA ILE C 53 -1.02 13.57 -37.14
C ILE C 53 -0.03 13.00 -38.16
N GLN C 54 -0.58 12.28 -39.14
CA GLN C 54 0.22 11.64 -40.17
C GLN C 54 0.88 12.67 -41.08
N LEU C 55 2.02 12.29 -41.64
CA LEU C 55 2.64 13.05 -42.72
C LEU C 55 1.81 12.92 -43.99
N SER C 56 1.88 13.94 -44.84
CA SER C 56 1.13 13.91 -46.08
C SER C 56 1.62 12.80 -47.01
N SER C 57 2.90 12.44 -46.93
CA SER C 57 3.41 11.27 -47.65
C SER C 57 2.64 10.00 -47.32
N ASN C 58 2.15 9.87 -46.09
CA ASN C 58 1.52 8.64 -45.63
C ASN C 58 0.00 8.71 -45.60
N LEU C 59 -0.58 9.71 -46.25
CA LEU C 59 -2.02 9.79 -46.44
C LEU C 59 -2.43 8.98 -47.66
N MET C 60 -3.64 8.45 -47.63
CA MET C 60 -4.17 7.77 -48.79
C MET C 60 -4.34 8.77 -49.93
N PRO C 61 -4.10 8.37 -51.18
CA PRO C 61 -4.37 9.28 -52.29
C PRO C 61 -5.85 9.69 -52.29
N GLY C 62 -6.10 10.94 -52.63
CA GLY C 62 -7.44 11.48 -52.58
C GLY C 62 -7.82 12.11 -51.26
N CYS C 63 -6.86 12.40 -50.40
CA CYS C 63 -7.10 13.05 -49.12
C CYS C 63 -6.30 14.34 -49.04
N ASP C 64 -6.78 15.29 -48.22
CA ASP C 64 -6.19 16.61 -48.15
C ASP C 64 -5.99 17.05 -46.71
N TYR C 65 -4.96 17.89 -46.52
CA TYR C 65 -4.77 18.70 -45.33
C TYR C 65 -4.93 20.15 -45.74
N SER C 66 -5.68 20.92 -44.95
CA SER C 66 -5.89 22.33 -45.20
C SER C 66 -5.73 23.10 -43.90
N LEU C 67 -4.91 24.15 -43.93
CA LEU C 67 -4.77 25.06 -42.79
C LEU C 67 -5.23 26.44 -43.22
N PHE C 68 -6.28 26.94 -42.59
CA PHE C 68 -6.86 28.22 -42.94
C PHE C 68 -7.00 29.09 -41.69
N LYS C 69 -7.00 30.40 -41.91
CA LYS C 69 -7.23 31.35 -40.82
C LYS C 69 -8.62 31.15 -40.25
N ASP C 70 -8.75 31.33 -38.93
CA ASP C 70 -10.03 31.18 -38.27
C ASP C 70 -11.08 32.09 -38.91
N GLY C 71 -12.20 31.49 -39.32
CA GLY C 71 -13.27 32.21 -39.99
C GLY C 71 -13.35 31.97 -41.49
N ILE C 72 -12.34 31.33 -42.09
CA ILE C 72 -12.35 30.99 -43.50
C ILE C 72 -12.42 29.47 -43.63
N GLU C 73 -13.45 28.98 -44.29
CA GLU C 73 -13.50 27.56 -44.50
C GLU C 73 -12.76 27.21 -45.79
N PRO C 74 -12.25 25.98 -45.89
CA PRO C 74 -11.46 25.62 -47.07
C PRO C 74 -12.29 25.43 -48.34
N MET C 75 -13.07 26.43 -48.72
CA MET C 75 -13.89 26.41 -49.92
C MET C 75 -13.63 27.68 -50.71
N TRP C 76 -13.57 27.55 -52.04
CA TRP C 76 -13.42 28.73 -52.89
C TRP C 76 -14.67 29.60 -52.89
N GLU C 77 -15.82 29.06 -52.49
CA GLU C 77 -17.04 29.86 -52.41
C GLU C 77 -17.00 30.87 -51.28
N ASP C 78 -16.07 30.71 -50.33
CA ASP C 78 -16.02 31.57 -49.16
C ASP C 78 -15.82 33.02 -49.57
N GLU C 79 -16.35 33.92 -48.73
CA GLU C 79 -16.27 35.36 -49.01
C GLU C 79 -14.82 35.81 -49.15
N LYS C 80 -13.92 35.26 -48.33
CA LYS C 80 -12.51 35.60 -48.41
C LYS C 80 -11.76 34.82 -49.48
N ASN C 81 -12.45 33.93 -50.21
CA ASN C 81 -11.83 33.12 -51.25
C ASN C 81 -12.39 33.35 -52.64
N LYS C 82 -13.60 33.90 -52.76
CA LYS C 82 -14.28 33.96 -54.05
C LYS C 82 -13.51 34.80 -55.07
N ARG C 83 -12.91 35.90 -54.63
CA ARG C 83 -12.18 36.80 -55.50
C ARG C 83 -10.67 36.53 -55.49
N GLY C 84 -10.25 35.35 -55.03
CA GLY C 84 -8.85 35.05 -54.88
C GLY C 84 -8.36 33.93 -55.78
N GLY C 85 -7.21 33.38 -55.44
CA GLY C 85 -6.59 32.32 -56.18
C GLY C 85 -5.56 31.61 -55.33
N ARG C 86 -4.70 30.83 -55.99
CA ARG C 86 -3.71 30.02 -55.29
C ARG C 86 -2.40 30.00 -56.07
N TRP C 87 -1.28 30.04 -55.33
CA TRP C 87 0.03 29.74 -55.89
C TRP C 87 0.24 28.22 -55.87
N LEU C 88 0.51 27.63 -57.03
CA LEU C 88 0.47 26.19 -57.20
C LEU C 88 1.85 25.57 -57.30
N ILE C 89 2.03 24.41 -56.67
CA ILE C 89 3.25 23.64 -56.78
C ILE C 89 2.84 22.25 -57.17
N THR C 90 3.39 21.76 -58.26
CA THR C 90 3.08 20.43 -58.78
C THR C 90 4.16 19.44 -58.34
N LEU C 91 3.73 18.27 -57.89
CA LEU C 91 4.63 17.23 -57.40
C LEU C 91 4.34 15.92 -58.10
N ASN C 92 5.39 15.24 -58.57
CA ASN C 92 5.26 13.89 -59.11
C ASN C 92 5.43 12.87 -58.00
N LYS C 93 5.42 11.58 -58.37
CA LYS C 93 5.55 10.52 -57.37
C LYS C 93 6.93 10.52 -56.74
N GLN C 94 7.96 10.89 -57.51
CA GLN C 94 9.30 10.99 -56.94
C GLN C 94 9.38 12.15 -55.96
N GLN C 95 8.70 13.26 -56.27
CA GLN C 95 8.70 14.40 -55.35
C GLN C 95 7.95 14.09 -54.07
N ARG C 96 6.99 13.17 -54.13
CA ARG C 96 6.28 12.74 -52.92
C ARG C 96 7.26 12.17 -51.90
N ARG C 97 8.27 11.46 -52.38
CA ARG C 97 9.31 10.94 -51.50
C ARG C 97 10.29 12.04 -51.09
N SER C 98 10.70 12.87 -52.04
CA SER C 98 11.78 13.83 -51.80
C SER C 98 11.31 15.13 -51.15
N ASP C 99 10.19 15.70 -51.60
CA ASP C 99 9.85 17.07 -51.24
C ASP C 99 8.48 17.28 -50.60
N LEU C 100 7.57 16.31 -50.66
CA LEU C 100 6.19 16.56 -50.25
C LEU C 100 6.10 16.98 -48.79
N ASP C 101 6.72 16.21 -47.89
CA ASP C 101 6.64 16.52 -46.48
C ASP C 101 7.45 17.77 -46.12
N ARG C 102 8.64 17.92 -46.70
CA ARG C 102 9.46 19.09 -46.41
C ARG C 102 8.80 20.37 -46.90
N PHE C 103 8.22 20.33 -48.11
CA PHE C 103 7.58 21.52 -48.65
C PHE C 103 6.35 21.89 -47.84
N TRP C 104 5.58 20.89 -47.39
CA TRP C 104 4.35 21.16 -46.65
C TRP C 104 4.63 21.82 -45.30
N LEU C 105 5.68 21.36 -44.59
CA LEU C 105 5.98 21.95 -43.30
C LEU C 105 6.49 23.38 -43.43
N GLU C 106 7.32 23.63 -44.45
CA GLU C 106 7.71 25.00 -44.73
C GLU C 106 6.51 25.85 -45.11
N THR C 107 5.54 25.25 -45.82
CA THR C 107 4.30 25.95 -46.11
C THR C 107 3.57 26.32 -44.82
N LEU C 108 3.43 25.36 -43.90
CA LEU C 108 2.79 25.65 -42.62
C LEU C 108 3.54 26.74 -41.86
N LEU C 109 4.87 26.67 -41.85
CA LEU C 109 5.65 27.65 -41.09
C LEU C 109 5.58 29.04 -41.71
N CYS C 110 5.47 29.13 -43.04
CA CYS C 110 5.36 30.43 -43.68
C CYS C 110 4.00 31.07 -43.44
N LEU C 111 2.97 30.27 -43.19
CA LEU C 111 1.66 30.80 -42.85
C LEU C 111 1.63 31.32 -41.41
N ILE C 112 1.88 30.42 -40.45
CA ILE C 112 1.79 30.79 -39.05
C ILE C 112 2.91 31.73 -38.65
N GLY C 113 4.02 31.72 -39.38
CA GLY C 113 5.13 32.63 -39.09
C GLY C 113 5.01 34.01 -39.70
N GLU C 114 4.00 34.24 -40.54
CA GLU C 114 3.79 35.51 -41.22
C GLU C 114 5.04 35.95 -41.99
N SER C 115 5.46 35.08 -42.91
CA SER C 115 6.73 35.22 -43.61
C SER C 115 6.67 36.17 -44.81
N PHE C 116 5.50 36.71 -45.13
CA PHE C 116 5.32 37.51 -46.34
C PHE C 116 5.21 39.01 -46.05
N ASP C 117 5.79 39.45 -44.94
CA ASP C 117 5.93 40.87 -44.58
C ASP C 117 4.54 41.48 -44.45
N ASP C 118 4.29 42.67 -45.02
CA ASP C 118 2.98 43.31 -44.84
C ASP C 118 1.87 42.56 -45.56
N TYR C 119 2.18 41.88 -46.65
CA TYR C 119 1.15 41.24 -47.46
C TYR C 119 0.74 39.88 -46.92
N SER C 120 1.18 39.51 -45.72
CA SER C 120 0.72 38.27 -45.12
C SER C 120 -0.73 38.34 -44.66
N ASP C 121 -1.32 39.55 -44.63
CA ASP C 121 -2.74 39.67 -44.35
C ASP C 121 -3.60 39.17 -45.49
N ASP C 122 -3.07 39.14 -46.71
CA ASP C 122 -3.81 38.65 -47.87
C ASP C 122 -3.76 37.13 -47.99
N VAL C 123 -2.95 36.45 -47.19
CA VAL C 123 -2.91 35.00 -47.16
C VAL C 123 -4.10 34.49 -46.36
N CYS C 124 -4.83 33.51 -46.92
CA CYS C 124 -5.96 32.88 -46.25
C CYS C 124 -5.67 31.47 -45.75
N GLY C 125 -4.85 30.71 -46.46
CA GLY C 125 -4.50 29.38 -46.00
C GLY C 125 -3.74 28.61 -47.05
N ALA C 126 -3.57 27.32 -46.79
CA ALA C 126 -2.81 26.43 -47.65
C ALA C 126 -3.48 25.06 -47.71
N VAL C 127 -3.33 24.40 -48.85
CA VAL C 127 -3.92 23.09 -49.09
C VAL C 127 -2.86 22.19 -49.72
N VAL C 128 -2.76 20.96 -49.22
CA VAL C 128 -1.97 19.92 -49.85
C VAL C 128 -2.92 18.83 -50.33
N ASN C 129 -2.81 18.49 -51.62
CA ASN C 129 -3.61 17.44 -52.22
C ASN C 129 -2.73 16.21 -52.43
N VAL C 130 -3.17 15.07 -51.92
CA VAL C 130 -2.50 13.79 -52.12
C VAL C 130 -3.32 13.01 -53.14
N ARG C 131 -2.81 12.92 -54.36
CA ARG C 131 -3.50 12.24 -55.45
C ARG C 131 -2.60 11.19 -56.06
N ALA C 132 -3.23 10.17 -56.65
CA ALA C 132 -2.46 9.11 -57.30
C ALA C 132 -1.70 9.62 -58.53
N LYS C 133 -2.28 10.58 -59.25
CA LYS C 133 -1.65 11.14 -60.44
C LYS C 133 -0.63 12.21 -60.11
N GLY C 134 -0.42 12.53 -58.84
CA GLY C 134 0.53 13.56 -58.44
C GLY C 134 -0.04 14.43 -57.34
N ASP C 135 0.84 14.87 -56.45
CA ASP C 135 0.45 15.69 -55.31
C ASP C 135 0.58 17.17 -55.63
N LYS C 136 -0.24 17.98 -54.95
CA LYS C 136 -0.25 19.42 -55.14
C LYS C 136 -0.19 20.12 -53.80
N ILE C 137 0.42 21.31 -53.79
CA ILE C 137 0.46 22.19 -52.63
C ILE C 137 0.17 23.61 -53.10
N ALA C 138 -0.75 24.30 -52.42
CA ALA C 138 -1.16 25.63 -52.83
C ALA C 138 -1.25 26.55 -51.62
N ILE C 139 -0.92 27.82 -51.85
CA ILE C 139 -1.14 28.89 -50.89
C ILE C 139 -2.24 29.79 -51.43
N TRP C 140 -3.31 29.94 -50.66
CA TRP C 140 -4.49 30.67 -51.12
C TRP C 140 -4.43 32.14 -50.73
N THR C 141 -4.81 33.00 -51.69
CA THR C 141 -4.86 34.44 -51.49
C THR C 141 -6.30 34.91 -51.65
N THR C 142 -6.63 36.02 -50.98
CA THR C 142 -8.02 36.46 -50.93
C THR C 142 -8.41 37.28 -52.14
N GLU C 143 -7.46 37.96 -52.78
CA GLU C 143 -7.75 38.82 -53.92
C GLU C 143 -6.75 38.52 -55.02
N CYS C 144 -7.25 38.08 -56.17
CA CYS C 144 -6.38 37.74 -57.29
C CYS C 144 -5.86 38.98 -58.01
N GLU C 145 -6.50 40.13 -57.83
CA GLU C 145 -6.14 41.33 -58.58
C GLU C 145 -5.14 42.26 -57.87
N ASN C 146 -4.67 41.92 -56.66
CA ASN C 146 -3.65 42.73 -56.00
C ASN C 146 -2.31 42.16 -56.45
N ARG C 147 -1.77 42.68 -57.56
CA ARG C 147 -0.54 42.11 -58.11
C ARG C 147 0.63 42.26 -57.15
N ASP C 148 0.71 43.38 -56.43
CA ASP C 148 1.82 43.59 -55.52
C ASP C 148 1.82 42.59 -54.37
N ALA C 149 0.64 42.30 -53.81
CA ALA C 149 0.56 41.34 -52.73
C ALA C 149 0.87 39.93 -53.23
N VAL C 150 0.22 39.52 -54.32
CA VAL C 150 0.34 38.16 -54.81
C VAL C 150 1.77 37.87 -55.27
N THR C 151 2.39 38.82 -55.98
CA THR C 151 3.74 38.58 -56.48
C THR C 151 4.75 38.51 -55.35
N HIS C 152 4.57 39.33 -54.30
CA HIS C 152 5.46 39.25 -53.15
C HIS C 152 5.34 37.90 -52.46
N ILE C 153 4.11 37.37 -52.34
CA ILE C 153 3.94 36.04 -51.79
C ILE C 153 4.66 35.01 -52.64
N GLY C 154 4.52 35.11 -53.97
CA GLY C 154 5.17 34.14 -54.84
C GLY C 154 6.68 34.21 -54.79
N ARG C 155 7.24 35.42 -54.74
CA ARG C 155 8.69 35.57 -54.68
C ARG C 155 9.24 35.07 -53.35
N VAL C 156 8.61 35.49 -52.24
CA VAL C 156 9.05 35.04 -50.92
C VAL C 156 8.87 33.53 -50.79
N TYR C 157 7.74 33.01 -51.28
CA TYR C 157 7.46 31.58 -51.17
C TYR C 157 8.52 30.75 -51.89
N LYS C 158 8.81 31.09 -53.16
CA LYS C 158 9.73 30.30 -53.96
C LYS C 158 11.10 30.21 -53.31
N GLU C 159 11.54 31.28 -52.65
CA GLU C 159 12.83 31.23 -51.96
C GLU C 159 12.78 30.31 -50.75
N ARG C 160 11.64 30.28 -50.04
CA ARG C 160 11.52 29.44 -48.85
C ARG C 160 11.65 27.96 -49.19
N LEU C 161 11.04 27.51 -50.30
CA LEU C 161 11.17 26.12 -50.69
C LEU C 161 12.57 25.79 -51.20
N GLY C 162 13.35 26.79 -51.57
CA GLY C 162 14.66 26.55 -52.14
C GLY C 162 14.62 26.22 -53.61
N LEU C 163 13.53 26.52 -54.28
CA LEU C 163 13.40 26.18 -55.69
C LEU C 163 14.33 27.08 -56.52
N PRO C 164 14.96 26.54 -57.56
CA PRO C 164 15.87 27.33 -58.37
C PRO C 164 15.11 28.20 -59.35
N PRO C 165 15.72 29.28 -59.86
CA PRO C 165 15.01 30.14 -60.82
C PRO C 165 14.64 29.42 -62.10
N LYS C 166 15.29 28.29 -62.40
CA LYS C 166 14.95 27.53 -63.59
C LYS C 166 13.56 26.92 -63.51
N ILE C 167 13.04 26.73 -62.30
CA ILE C 167 11.69 26.20 -62.11
C ILE C 167 10.75 27.38 -61.95
N VAL C 168 9.54 27.25 -62.48
CA VAL C 168 8.55 28.31 -62.43
C VAL C 168 7.28 27.77 -61.78
N ILE C 169 6.68 28.60 -60.93
CA ILE C 169 5.40 28.30 -60.30
C ILE C 169 4.36 29.28 -60.83
N GLY C 170 3.11 28.84 -60.88
CA GLY C 170 2.04 29.65 -61.42
C GLY C 170 0.97 29.91 -60.37
N TYR C 171 0.30 31.06 -60.52
CA TYR C 171 -0.81 31.45 -59.66
C TYR C 171 -2.08 31.46 -60.50
N GLN C 172 -3.10 30.72 -60.05
CA GLN C 172 -4.33 30.54 -60.80
C GLN C 172 -5.50 31.10 -60.02
N SER C 173 -6.35 31.87 -60.69
CA SER C 173 -7.57 32.39 -60.07
C SER C 173 -8.53 31.26 -59.75
N HIS C 174 -9.19 31.36 -58.59
CA HIS C 174 -10.24 30.40 -58.27
C HIS C 174 -11.40 30.52 -59.25
N ALA C 175 -11.69 31.74 -59.70
CA ALA C 175 -12.71 31.93 -60.72
C ALA C 175 -12.29 31.31 -62.04
N ASP C 176 -11.01 31.42 -62.39
CA ASP C 176 -10.51 30.79 -63.61
C ASP C 176 -10.56 29.28 -63.50
N THR C 177 -10.23 28.74 -62.33
CA THR C 177 -10.23 27.29 -62.14
C THR C 177 -11.63 26.72 -62.28
N ALA C 178 -12.64 27.46 -61.83
CA ALA C 178 -14.02 27.00 -61.97
C ALA C 178 -14.49 27.01 -63.42
N THR C 179 -13.88 27.81 -64.28
CA THR C 179 -14.25 27.86 -65.69
C THR C 179 -13.64 26.71 -66.47
N THR C 185 -5.45 25.36 -66.13
CA THR C 185 -6.02 26.71 -66.11
C THR C 185 -4.95 27.76 -66.38
N LYS C 186 -5.37 28.90 -66.94
CA LYS C 186 -4.42 29.96 -67.25
C LYS C 186 -3.80 30.52 -65.98
N ASN C 187 -2.59 31.07 -66.12
CA ASN C 187 -1.85 31.63 -65.01
C ASN C 187 -1.99 33.15 -65.00
N ARG C 188 -2.53 33.70 -63.92
CA ARG C 188 -2.62 35.15 -63.81
C ARG C 188 -1.25 35.75 -63.52
N PHE C 189 -0.43 35.06 -62.75
CA PHE C 189 0.94 35.48 -62.45
C PHE C 189 1.84 34.27 -62.47
N VAL C 190 3.14 34.51 -62.62
CA VAL C 190 4.16 33.47 -62.61
C VAL C 190 5.36 34.01 -61.83
N VAL C 191 6.06 33.11 -61.14
CA VAL C 191 7.20 33.50 -60.32
C VAL C 191 8.35 32.51 -60.49
N PRO D 5 -2.16 -37.27 15.33
CA PRO D 5 -2.46 -36.53 16.55
C PRO D 5 -1.20 -36.02 17.27
N GLU D 6 -0.14 -36.83 17.22
CA GLU D 6 1.12 -36.46 17.86
C GLU D 6 1.55 -35.04 17.49
N HIS D 7 1.50 -34.72 16.19
CA HIS D 7 2.09 -33.49 15.68
C HIS D 7 1.36 -32.20 16.08
N TYR D 8 0.13 -32.25 16.59
CA TYR D 8 -0.57 -31.00 16.87
C TYR D 8 -1.20 -30.90 18.26
N ILE D 9 -1.21 -31.96 19.05
CA ILE D 9 -1.76 -31.88 20.40
C ILE D 9 -0.61 -31.80 21.39
N LYS D 10 -0.74 -30.91 22.38
CA LYS D 10 0.22 -30.83 23.46
C LYS D 10 0.17 -32.08 24.32
N HIS D 11 1.29 -32.36 24.99
CA HIS D 11 1.41 -33.55 25.81
C HIS D 11 0.97 -33.21 27.22
N PRO D 12 -0.14 -33.75 27.71
CA PRO D 12 -0.62 -33.37 29.04
C PRO D 12 0.24 -33.99 30.14
N LEU D 13 0.31 -33.27 31.26
CA LEU D 13 1.00 -33.79 32.42
C LEU D 13 0.02 -34.55 33.30
N GLN D 14 0.56 -35.45 34.12
CA GLN D 14 -0.27 -36.22 35.05
C GLN D 14 -1.01 -35.30 36.01
N ASN D 15 -0.36 -34.23 36.45
CA ASN D 15 -0.97 -33.28 37.37
C ASN D 15 -0.86 -31.88 36.79
N ARG D 16 -1.65 -30.97 37.36
CA ARG D 16 -1.54 -29.54 37.07
C ARG D 16 -0.76 -28.87 38.19
N TRP D 17 0.21 -28.03 37.81
CA TRP D 17 1.14 -27.46 38.76
C TRP D 17 1.06 -25.94 38.76
N ALA D 18 1.42 -25.36 39.91
CA ALA D 18 1.43 -23.91 40.09
C ALA D 18 2.81 -23.49 40.57
N LEU D 19 3.43 -22.56 39.86
CA LEU D 19 4.74 -22.03 40.23
C LEU D 19 4.55 -20.73 41.01
N TRP D 20 5.20 -20.65 42.17
CA TRP D 20 5.10 -19.51 43.05
C TRP D 20 6.43 -18.77 43.13
N PHE D 21 6.36 -17.47 43.39
CA PHE D 21 7.54 -16.65 43.63
C PHE D 21 7.41 -15.93 44.95
N PHE D 22 8.53 -15.77 45.66
CA PHE D 22 8.57 -15.10 46.94
C PHE D 22 9.81 -14.22 47.00
N LYS D 23 9.63 -12.97 47.42
CA LYS D 23 10.72 -12.03 47.62
C LYS D 23 10.66 -11.53 49.06
N ASN D 24 11.82 -11.41 49.69
CA ASN D 24 11.87 -11.13 51.12
C ASN D 24 11.80 -9.63 51.32
N ASP D 25 10.69 -9.16 51.90
CA ASP D 25 10.47 -7.75 52.19
C ASP D 25 9.95 -7.64 53.61
N LYS D 26 10.76 -7.09 54.51
CA LYS D 26 10.29 -6.93 55.88
C LYS D 26 9.19 -5.89 55.99
N SER D 27 9.08 -5.01 54.99
CA SER D 27 8.01 -4.02 54.95
C SER D 27 6.64 -4.65 54.76
N LYS D 28 6.56 -5.87 54.25
CA LYS D 28 5.30 -6.52 53.94
C LYS D 28 5.17 -7.80 54.76
N THR D 29 3.95 -8.33 54.81
CA THR D 29 3.74 -9.61 55.49
C THR D 29 4.30 -10.75 54.64
N TRP D 30 4.51 -11.90 55.30
CA TRP D 30 5.06 -13.05 54.60
C TRP D 30 4.09 -13.57 53.55
N GLN D 31 2.80 -13.65 53.89
CA GLN D 31 1.81 -14.12 52.93
C GLN D 31 1.65 -13.16 51.76
N ALA D 32 1.86 -11.86 52.00
CA ALA D 32 1.72 -10.87 50.94
C ALA D 32 2.90 -10.87 49.99
N ASN D 33 4.04 -11.45 50.37
CA ASN D 33 5.20 -11.53 49.50
C ASN D 33 5.24 -12.82 48.68
N LEU D 34 4.34 -13.76 48.95
CA LEU D 34 4.20 -14.95 48.12
C LEU D 34 3.26 -14.62 46.98
N ARG D 35 3.71 -14.80 45.75
CA ARG D 35 2.92 -14.48 44.56
C ARG D 35 2.92 -15.67 43.62
N LEU D 36 1.77 -15.94 43.03
CA LEU D 36 1.62 -17.01 42.05
C LEU D 36 1.97 -16.48 40.66
N ILE D 37 2.89 -17.17 39.99
CA ILE D 37 3.32 -16.75 38.65
C ILE D 37 2.35 -17.26 37.60
N SER D 38 2.23 -18.57 37.46
CA SER D 38 1.42 -19.17 36.40
C SER D 38 1.15 -20.62 36.76
N LYS D 39 0.15 -21.19 36.08
CA LYS D 39 -0.20 -22.59 36.19
C LYS D 39 -0.09 -23.26 34.84
N PHE D 40 0.25 -24.55 34.85
CA PHE D 40 0.43 -25.30 33.62
C PHE D 40 0.11 -26.76 33.87
N ASP D 41 -0.26 -27.47 32.79
CA ASP D 41 -0.50 -28.90 32.89
C ASP D 41 -0.03 -29.66 31.66
N THR D 42 0.84 -29.06 30.84
CA THR D 42 1.40 -29.74 29.68
C THR D 42 2.92 -29.57 29.66
N VAL D 43 3.59 -30.48 28.96
CA VAL D 43 5.05 -30.40 28.82
C VAL D 43 5.45 -29.12 28.11
N GLU D 44 4.74 -28.76 27.04
CA GLU D 44 5.10 -27.59 26.26
C GLU D 44 4.94 -26.31 27.10
N ASP D 45 3.88 -26.22 27.89
CA ASP D 45 3.67 -25.03 28.69
C ASP D 45 4.69 -24.92 29.81
N PHE D 46 5.18 -26.05 30.32
CA PHE D 46 6.22 -26.01 31.34
C PHE D 46 7.49 -25.39 30.78
N TRP D 47 7.92 -25.84 29.59
CA TRP D 47 9.16 -25.32 29.03
C TRP D 47 9.04 -23.86 28.61
N ALA D 48 7.86 -23.44 28.16
CA ALA D 48 7.66 -22.02 27.85
C ALA D 48 7.83 -21.17 29.10
N LEU D 49 7.27 -21.62 30.23
CA LEU D 49 7.40 -20.88 31.48
C LEU D 49 8.83 -20.94 32.00
N TYR D 50 9.46 -22.12 31.95
CA TYR D 50 10.81 -22.27 32.49
C TYR D 50 11.83 -21.45 31.70
N ASN D 51 11.70 -21.42 30.37
CA ASN D 51 12.65 -20.71 29.54
C ASN D 51 12.49 -19.19 29.60
N HIS D 52 11.40 -18.70 30.18
CA HIS D 52 11.15 -17.26 30.24
C HIS D 52 11.56 -16.64 31.56
N ILE D 53 11.76 -17.44 32.61
CA ILE D 53 12.02 -16.92 33.94
C ILE D 53 13.50 -17.06 34.26
N GLN D 54 13.95 -16.30 35.26
CA GLN D 54 15.35 -16.31 35.65
C GLN D 54 15.75 -17.64 36.25
N LEU D 55 17.01 -17.99 36.09
CA LEU D 55 17.58 -19.12 36.81
C LEU D 55 17.72 -18.77 38.28
N SER D 56 17.66 -19.80 39.14
CA SER D 56 17.80 -19.56 40.57
C SER D 56 19.18 -19.03 40.91
N SER D 57 20.18 -19.33 40.08
CA SER D 57 21.49 -18.72 40.22
C SER D 57 21.40 -17.20 40.24
N ASN D 58 20.47 -16.61 39.48
CA ASN D 58 20.53 -15.17 39.37
C ASN D 58 19.44 -14.48 40.17
N LEU D 59 18.81 -15.20 41.08
CA LEU D 59 17.85 -14.55 41.96
C LEU D 59 18.57 -13.84 43.10
N MET D 60 17.99 -12.73 43.52
CA MET D 60 18.52 -12.03 44.67
C MET D 60 18.36 -12.88 45.92
N PRO D 61 19.33 -12.82 46.84
CA PRO D 61 19.19 -13.54 48.10
C PRO D 61 17.91 -13.11 48.81
N GLY D 62 17.25 -14.08 49.44
CA GLY D 62 15.95 -13.81 50.03
C GLY D 62 14.80 -14.06 49.09
N CYS D 63 15.02 -14.76 47.98
CA CYS D 63 13.97 -15.07 47.02
C CYS D 63 13.83 -16.58 46.89
N ASP D 64 12.62 -17.01 46.53
CA ASP D 64 12.29 -18.42 46.46
C ASP D 64 11.49 -18.72 45.20
N TYR D 65 11.68 -19.92 44.68
CA TYR D 65 10.80 -20.50 43.66
C TYR D 65 10.10 -21.68 44.31
N SER D 66 8.79 -21.79 44.10
CA SER D 66 8.03 -22.91 44.64
C SER D 66 7.13 -23.46 43.54
N LEU D 67 7.18 -24.78 43.36
CA LEU D 67 6.30 -25.48 42.45
C LEU D 67 5.45 -26.45 43.25
N PHE D 68 4.13 -26.23 43.26
CA PHE D 68 3.22 -27.06 44.03
C PHE D 68 2.05 -27.50 43.15
N LYS D 69 1.48 -28.64 43.51
CA LYS D 69 0.30 -29.14 42.82
C LYS D 69 -0.86 -28.18 42.97
N ASP D 70 -1.66 -28.05 41.92
CA ASP D 70 -2.82 -27.17 41.95
C ASP D 70 -3.74 -27.57 43.11
N GLY D 71 -4.05 -26.61 43.97
CA GLY D 71 -4.86 -26.86 45.14
C GLY D 71 -4.11 -26.93 46.45
N ILE D 72 -2.79 -26.97 46.41
CA ILE D 72 -1.95 -26.99 47.61
C ILE D 72 -1.19 -25.67 47.68
N GLU D 73 -1.35 -24.97 48.78
CA GLU D 73 -0.62 -23.71 48.86
C GLU D 73 0.80 -23.95 49.39
N PRO D 74 1.75 -23.09 49.02
CA PRO D 74 3.13 -23.27 49.51
C PRO D 74 3.27 -22.87 50.97
N MET D 75 2.42 -23.45 51.81
CA MET D 75 2.42 -23.19 53.25
C MET D 75 2.45 -24.52 53.98
N TRP D 76 3.22 -24.59 55.06
CA TRP D 76 3.19 -25.79 55.89
C TRP D 76 1.87 -25.92 56.64
N GLU D 77 1.14 -24.81 56.80
CA GLU D 77 -0.17 -24.86 57.45
C GLU D 77 -1.22 -25.53 56.57
N ASP D 78 -0.96 -25.67 55.27
CA ASP D 78 -1.95 -26.23 54.35
C ASP D 78 -2.34 -27.63 54.79
N GLU D 79 -3.60 -28.00 54.48
CA GLU D 79 -4.12 -29.29 54.91
C GLU D 79 -3.25 -30.44 54.39
N LYS D 80 -2.74 -30.32 53.18
CA LYS D 80 -1.89 -31.36 52.61
C LYS D 80 -0.43 -31.24 53.05
N ASN D 81 -0.10 -30.24 53.87
CA ASN D 81 1.27 -30.04 54.33
C ASN D 81 1.45 -30.14 55.83
N LYS D 82 0.38 -29.98 56.63
CA LYS D 82 0.53 -29.89 58.07
C LYS D 82 1.11 -31.16 58.67
N ARG D 83 0.71 -32.32 58.15
CA ARG D 83 1.18 -33.61 58.66
C ARG D 83 2.33 -34.16 57.84
N GLY D 84 3.01 -33.32 57.06
CA GLY D 84 4.05 -33.76 56.17
C GLY D 84 5.43 -33.22 56.52
N GLY D 85 6.33 -33.31 55.55
CA GLY D 85 7.69 -32.85 55.73
C GLY D 85 8.38 -32.67 54.40
N ARG D 86 9.70 -32.55 54.45
CA ARG D 86 10.48 -32.27 53.26
C ARG D 86 11.80 -33.02 53.30
N TRP D 87 12.23 -33.52 52.14
CA TRP D 87 13.61 -33.96 51.97
C TRP D 87 14.45 -32.73 51.63
N LEU D 88 15.41 -32.40 52.48
CA LEU D 88 16.13 -31.14 52.38
C LEU D 88 17.55 -31.39 51.92
N ILE D 89 18.02 -30.51 51.04
CA ILE D 89 19.40 -30.52 50.57
C ILE D 89 19.98 -29.14 50.75
N THR D 90 21.10 -29.05 51.47
CA THR D 90 21.77 -27.79 51.75
C THR D 90 22.90 -27.59 50.75
N LEU D 91 23.02 -26.36 50.26
CA LEU D 91 24.00 -26.03 49.24
C LEU D 91 24.86 -24.86 49.73
N ASN D 92 26.18 -24.98 49.55
CA ASN D 92 27.09 -23.89 49.85
C ASN D 92 27.28 -23.01 48.61
N LYS D 93 28.18 -22.02 48.73
CA LYS D 93 28.40 -21.10 47.62
C LYS D 93 29.02 -21.80 46.42
N GLN D 94 29.84 -22.82 46.65
CA GLN D 94 30.39 -23.58 45.52
C GLN D 94 29.30 -24.37 44.81
N GLN D 95 28.35 -24.93 45.57
CA GLN D 95 27.26 -25.68 44.96
C GLN D 95 26.29 -24.78 44.21
N ARG D 96 26.16 -23.51 44.63
CA ARG D 96 25.30 -22.58 43.92
C ARG D 96 25.78 -22.38 42.49
N ARG D 97 27.09 -22.37 42.28
CA ARG D 97 27.64 -22.26 40.94
C ARG D 97 27.57 -23.58 40.19
N SER D 98 27.89 -24.68 40.87
CA SER D 98 28.05 -25.98 40.22
C SER D 98 26.74 -26.74 40.06
N ASP D 99 25.88 -26.74 41.09
CA ASP D 99 24.76 -27.67 41.13
C ASP D 99 23.38 -27.05 41.33
N LEU D 100 23.28 -25.77 41.70
CA LEU D 100 21.98 -25.22 42.08
C LEU D 100 20.97 -25.32 40.95
N ASP D 101 21.34 -24.86 39.75
CA ASP D 101 20.40 -24.86 38.64
C ASP D 101 20.10 -26.28 38.17
N ARG D 102 21.11 -27.13 38.11
CA ARG D 102 20.89 -28.51 37.67
C ARG D 102 20.01 -29.26 38.66
N PHE D 103 20.23 -29.06 39.95
CA PHE D 103 19.44 -29.76 40.96
C PHE D 103 17.99 -29.31 40.91
N TRP D 104 17.75 -28.02 40.71
CA TRP D 104 16.38 -27.50 40.70
C TRP D 104 15.59 -28.03 39.50
N LEU D 105 16.23 -28.09 38.32
CA LEU D 105 15.52 -28.56 37.13
C LEU D 105 15.20 -30.05 37.23
N GLU D 106 16.13 -30.85 37.74
CA GLU D 106 15.85 -32.26 37.95
C GLU D 106 14.73 -32.45 38.96
N THR D 107 14.69 -31.60 39.98
CA THR D 107 13.58 -31.62 40.93
C THR D 107 12.27 -31.28 40.23
N LEU D 108 12.27 -30.21 39.42
CA LEU D 108 11.07 -29.85 38.67
C LEU D 108 10.63 -31.00 37.78
N LEU D 109 11.59 -31.68 37.13
CA LEU D 109 11.25 -32.80 36.27
C LEU D 109 10.78 -34.00 37.09
N CYS D 110 11.27 -34.13 38.32
CA CYS D 110 10.83 -35.23 39.17
C CYS D 110 9.40 -35.04 39.66
N LEU D 111 8.95 -33.79 39.75
CA LEU D 111 7.57 -33.53 40.14
C LEU D 111 6.62 -33.79 38.97
N ILE D 112 6.81 -33.06 37.87
CA ILE D 112 5.91 -33.16 36.73
C ILE D 112 6.07 -34.49 35.99
N GLY D 113 7.22 -35.15 36.13
CA GLY D 113 7.42 -36.44 35.51
C GLY D 113 6.89 -37.63 36.29
N GLU D 114 6.42 -37.41 37.53
CA GLU D 114 5.92 -38.47 38.39
C GLU D 114 6.97 -39.58 38.55
N SER D 115 8.12 -39.19 39.07
CA SER D 115 9.29 -40.07 39.15
C SER D 115 9.29 -41.01 40.34
N PHE D 116 8.33 -40.95 41.25
CA PHE D 116 8.37 -41.75 42.47
C PHE D 116 7.37 -42.90 42.44
N ASP D 117 7.03 -43.39 41.25
CA ASP D 117 6.22 -44.60 41.06
C ASP D 117 4.85 -44.37 41.69
N ASP D 118 4.32 -45.31 42.48
CA ASP D 118 3.01 -45.13 43.07
C ASP D 118 2.99 -44.01 44.12
N TYR D 119 4.13 -43.78 44.78
CA TYR D 119 4.20 -42.85 45.93
C TYR D 119 4.34 -41.38 45.51
N SER D 120 4.27 -41.06 44.22
CA SER D 120 4.30 -39.65 43.80
C SER D 120 3.03 -38.92 44.15
N ASP D 121 1.99 -39.63 44.57
CA ASP D 121 0.80 -38.97 45.07
C ASP D 121 1.05 -38.31 46.42
N ASP D 122 2.06 -38.77 47.15
CA ASP D 122 2.43 -38.17 48.41
C ASP D 122 3.30 -36.93 48.22
N VAL D 123 3.76 -36.66 47.01
CA VAL D 123 4.52 -35.45 46.74
C VAL D 123 3.55 -34.27 46.66
N CYS D 124 3.87 -33.19 47.36
CA CYS D 124 3.05 -31.98 47.32
C CYS D 124 3.68 -30.85 46.53
N GLY D 125 5.01 -30.72 46.55
CA GLY D 125 5.67 -29.71 45.78
C GLY D 125 7.14 -29.62 46.16
N ALA D 126 7.79 -28.59 45.62
CA ALA D 126 9.21 -28.37 45.85
C ALA D 126 9.48 -26.87 45.98
N VAL D 127 10.49 -26.54 46.78
CA VAL D 127 10.89 -25.15 47.03
C VAL D 127 12.40 -25.07 46.96
N VAL D 128 12.92 -24.04 46.28
CA VAL D 128 14.33 -23.72 46.31
C VAL D 128 14.49 -22.38 47.02
N ASN D 129 15.32 -22.35 48.05
CA ASN D 129 15.60 -21.14 48.82
C ASN D 129 16.97 -20.61 48.43
N VAL D 130 17.01 -19.35 48.00
CA VAL D 130 18.26 -18.67 47.69
C VAL D 130 18.55 -17.68 48.81
N ARG D 131 19.52 -18.03 49.65
CA ARG D 131 19.89 -17.21 50.80
C ARG D 131 21.38 -16.93 50.74
N ALA D 132 21.78 -15.82 51.37
CA ALA D 132 23.19 -15.48 51.41
C ALA D 132 24.01 -16.49 52.21
N LYS D 133 23.42 -17.05 53.26
CA LYS D 133 24.11 -18.03 54.09
C LYS D 133 24.12 -19.43 53.50
N GLY D 134 23.54 -19.62 52.32
CA GLY D 134 23.50 -20.92 51.68
C GLY D 134 22.13 -21.18 51.08
N ASP D 135 22.10 -21.87 49.95
CA ASP D 135 20.88 -22.18 49.24
C ASP D 135 20.34 -23.55 49.65
N LYS D 136 19.02 -23.70 49.57
CA LYS D 136 18.37 -24.95 49.95
C LYS D 136 17.39 -25.37 48.86
N ILE D 137 17.22 -26.68 48.72
CA ILE D 137 16.21 -27.27 47.84
C ILE D 137 15.51 -28.40 48.59
N ALA D 138 14.18 -28.39 48.58
CA ALA D 138 13.42 -29.37 49.33
C ALA D 138 12.26 -29.90 48.49
N ILE D 139 11.93 -31.17 48.70
CA ILE D 139 10.74 -31.81 48.13
C ILE D 139 9.78 -32.11 49.27
N TRP D 140 8.57 -31.55 49.19
CA TRP D 140 7.61 -31.67 50.28
C TRP D 140 6.71 -32.88 50.07
N THR D 141 6.49 -33.62 51.17
CA THR D 141 5.64 -34.81 51.18
C THR D 141 4.48 -34.57 52.14
N THR D 142 3.37 -35.29 51.92
CA THR D 142 2.12 -35.00 52.61
C THR D 142 2.01 -35.65 53.99
N GLU D 143 2.69 -36.78 54.23
CA GLU D 143 2.55 -37.50 55.49
C GLU D 143 3.91 -37.93 56.03
N CYS D 144 4.20 -37.53 57.27
CA CYS D 144 5.48 -37.87 57.91
C CYS D 144 5.58 -39.32 58.33
N GLU D 145 4.46 -40.01 58.52
CA GLU D 145 4.47 -41.37 59.03
C GLU D 145 4.43 -42.43 57.94
N ASN D 146 4.48 -42.03 56.66
CA ASN D 146 4.50 -43.01 55.57
C ASN D 146 5.94 -43.42 55.33
N ARG D 147 6.37 -44.47 56.04
CA ARG D 147 7.75 -44.91 55.95
C ARG D 147 8.09 -45.41 54.55
N ASP D 148 7.17 -46.16 53.94
CA ASP D 148 7.43 -46.69 52.60
C ASP D 148 7.45 -45.57 51.56
N ALA D 149 6.52 -44.62 51.65
CA ALA D 149 6.44 -43.56 50.66
C ALA D 149 7.61 -42.60 50.75
N VAL D 150 7.91 -42.10 51.95
CA VAL D 150 8.93 -41.06 52.08
C VAL D 150 10.30 -41.60 51.74
N THR D 151 10.64 -42.81 52.22
CA THR D 151 11.97 -43.35 51.95
C THR D 151 12.14 -43.68 50.47
N HIS D 152 11.07 -44.12 49.81
CA HIS D 152 11.16 -44.39 48.38
C HIS D 152 11.43 -43.11 47.60
N ILE D 153 10.76 -42.01 47.98
CA ILE D 153 11.03 -40.71 47.36
C ILE D 153 12.47 -40.30 47.57
N GLY D 154 12.97 -40.47 48.80
CA GLY D 154 14.34 -40.07 49.11
C GLY D 154 15.38 -40.85 48.33
N ARG D 155 15.15 -42.16 48.18
CA ARG D 155 16.10 -42.98 47.43
C ARG D 155 16.13 -42.60 45.96
N VAL D 156 14.93 -42.45 45.36
CA VAL D 156 14.85 -42.06 43.95
C VAL D 156 15.42 -40.66 43.76
N TYR D 157 15.09 -39.73 44.67
CA TYR D 157 15.55 -38.35 44.53
C TYR D 157 17.08 -38.27 44.52
N LYS D 158 17.73 -38.88 45.50
CA LYS D 158 19.18 -38.83 45.57
C LYS D 158 19.83 -39.50 44.35
N GLU D 159 19.22 -40.60 43.88
CA GLU D 159 19.77 -41.28 42.70
C GLU D 159 19.55 -40.46 41.43
N ARG D 160 18.39 -39.81 41.32
CA ARG D 160 18.14 -38.98 40.13
C ARG D 160 19.11 -37.81 40.08
N LEU D 161 19.37 -37.18 41.22
CA LEU D 161 20.33 -36.09 41.28
C LEU D 161 21.78 -36.58 41.18
N GLY D 162 22.04 -37.86 41.44
CA GLY D 162 23.37 -38.41 41.32
C GLY D 162 24.33 -38.20 42.48
N LEU D 163 23.84 -37.87 43.67
CA LEU D 163 24.74 -37.65 44.81
C LEU D 163 25.35 -38.96 45.28
N PRO D 164 26.61 -38.95 45.69
CA PRO D 164 27.27 -40.19 46.11
C PRO D 164 26.87 -40.58 47.52
N PRO D 165 27.06 -41.84 47.91
CA PRO D 165 26.68 -42.25 49.28
C PRO D 165 27.41 -41.51 50.38
N LYS D 166 28.54 -40.85 50.06
CA LYS D 166 29.25 -40.09 51.09
C LYS D 166 28.42 -38.91 51.58
N ILE D 167 27.51 -38.41 50.76
CA ILE D 167 26.61 -37.34 51.17
C ILE D 167 25.29 -37.96 51.60
N VAL D 168 24.69 -37.40 52.63
CA VAL D 168 23.41 -37.87 53.16
C VAL D 168 22.43 -36.71 53.17
N ILE D 169 21.18 -37.01 52.81
CA ILE D 169 20.10 -36.02 52.88
C ILE D 169 19.14 -36.43 53.98
N GLY D 170 18.51 -35.43 54.59
CA GLY D 170 17.63 -35.65 55.72
C GLY D 170 16.21 -35.22 55.42
N TYR D 171 15.26 -35.87 56.09
CA TYR D 171 13.84 -35.54 55.99
C TYR D 171 13.36 -35.01 57.33
N GLN D 172 12.76 -33.82 57.32
CA GLN D 172 12.35 -33.11 58.52
C GLN D 172 10.85 -32.89 58.52
N SER D 173 10.21 -33.17 59.65
CA SER D 173 8.80 -32.87 59.82
C SER D 173 8.58 -31.36 59.78
N HIS D 174 7.50 -30.94 59.10
CA HIS D 174 7.15 -29.52 59.10
C HIS D 174 6.81 -29.04 60.51
N ALA D 175 6.16 -29.90 61.30
CA ALA D 175 5.86 -29.56 62.68
C ALA D 175 7.13 -29.45 63.51
N ASP D 176 8.10 -30.32 63.25
CA ASP D 176 9.36 -30.28 63.98
C ASP D 176 10.15 -29.02 63.65
N THR D 177 10.15 -28.59 62.38
CA THR D 177 10.90 -27.39 62.02
C THR D 177 10.29 -26.18 62.72
N ALA D 178 8.97 -26.12 62.82
CA ALA D 178 8.30 -25.08 63.58
C ALA D 178 8.48 -25.25 65.08
N THR D 179 9.19 -26.30 65.51
CA THR D 179 9.37 -26.66 66.91
C THR D 179 8.04 -27.00 67.58
N THR D 185 16.68 -28.79 64.06
CA THR D 185 15.60 -29.71 63.78
C THR D 185 16.14 -31.07 63.33
N LYS D 186 15.81 -32.11 64.11
CA LYS D 186 16.29 -33.44 63.81
C LYS D 186 15.67 -33.98 62.52
N ASN D 187 16.38 -34.93 61.91
CA ASN D 187 15.95 -35.56 60.67
C ASN D 187 15.30 -36.90 61.01
N ARG D 188 14.04 -37.06 60.64
CA ARG D 188 13.33 -38.31 60.92
C ARG D 188 13.80 -39.44 60.03
N PHE D 189 14.25 -39.15 58.81
CA PHE D 189 14.77 -40.16 57.92
C PHE D 189 16.04 -39.65 57.27
N VAL D 190 16.85 -40.59 56.76
CA VAL D 190 18.09 -40.27 56.05
C VAL D 190 18.22 -41.23 54.87
N VAL D 191 18.80 -40.73 53.79
CA VAL D 191 19.01 -41.53 52.59
C VAL D 191 20.38 -41.20 51.99
C1 P3E E . 3.58 -34.33 -1.61
C1 P3E E . 3.60 -34.31 -1.61
C2 P3E E . 3.96 -32.05 -1.35
C2 P3E E . 3.98 -32.01 -1.37
C3 P3E E . 2.80 -31.89 -0.71
C3 P3E E . 2.82 -31.85 -0.75
C4 P3E E . 2.01 -32.93 -0.49
C4 P3E E . 2.02 -32.89 -0.51
O1 P3E E . 0.95 -32.79 0.11
O1 P3E E . 0.95 -32.75 0.08
C5 P3E E . 5.83 -30.64 -2.09
C5 P3E E . 5.86 -30.62 -2.10
C6 P3E E . 5.98 -29.31 -2.79
C6 P3E E . 6.01 -29.31 -2.82
C7 P3E E . 7.48 -29.18 -2.68
C7 P3E E . 7.51 -29.17 -2.71
C8 P3E E . 7.74 -29.59 -1.23
C8 P3E E . 7.76 -29.56 -1.25
C9 P3E E . 7.78 -28.32 -0.37
C9 P3E E . 7.80 -28.27 -0.41
C10 P3E E . 3.75 -29.96 -0.86
C10 P3E E . 3.76 -29.92 -0.89
C11 P3E E . -1.83 -26.49 -1.91
C11 P3E E . -1.87 -26.27 -1.74
C12 P3E E . -5.08 -28.34 -4.30
C12 P3E E . -5.08 -28.17 -4.18
C13 P3E E . -5.21 -26.52 -2.76
C13 P3E E . -5.25 -26.29 -2.70
C14 P3E E . -3.90 -26.64 -2.53
C14 P3E E . -3.94 -26.41 -2.43
C15 P3E E . -3.19 -27.56 -3.18
C15 P3E E . -3.22 -27.37 -3.01
C16 P3E E . -1.04 -28.48 -3.45
C16 P3E E . -1.12 -28.36 -3.22
C17 P3E E . -0.63 -27.96 -4.82
C17 P3E E . -0.71 -27.97 -4.63
C18 P3E E . 0.57 -27.17 -4.49
C18 P3E E . 0.54 -27.20 -4.38
C19 P3E E . 1.30 -28.21 -3.61
C19 P3E E . 1.23 -28.20 -3.45
C20 P3E E . 2.48 -27.50 -2.96
C20 P3E E . 2.46 -27.49 -2.86
C21 P3E E . -3.34 -24.81 -0.82
C21 P3E E . -3.46 -24.52 -0.80
C22 P3E E . -3.57 -23.60 -1.49
C22 P3E E . -3.41 -24.70 0.58
C23 P3E E . -3.77 -21.19 -1.40
C23 P3E E . -2.14 -24.98 2.61
C24 P3E E . -3.54 -22.41 -0.77
C24 P3E E . -2.19 -24.83 1.22
C25 P3E E . -4.02 -21.14 -2.76
C25 P3E E . -3.30 -25.00 3.36
C26 P3E E . -3.82 -23.54 -2.86
C26 P3E E . -4.58 -24.70 1.33
C27 P3E E . -4.05 -22.33 -3.50
C27 P3E E . -4.53 -24.86 2.72
C28 P3E E . -4.31 -22.30 -4.86
C28 P3E E . -5.69 -24.88 3.47
N1 P3E E . 2.37 -34.21 -0.94
N1 P3E E . 2.39 -34.17 -0.95
N2 P3E E . 3.97 -35.53 -2.05
N2 P3E E . 4.01 -35.50 -2.04
N3 P3E E . 4.34 -33.25 -1.82
N3 P3E E . 4.37 -33.22 -1.82
N4 P3E E . 2.68 -30.61 -0.40
N4 P3E E . 2.68 -30.57 -0.44
N5 P3E E . 4.51 -30.84 -1.49
N5 P3E E . 4.53 -30.81 -1.52
N6 P3E E . -3.03 -25.96 -1.75
N6 P3E E . -3.10 -25.73 -1.63
N7 P3E E . -3.77 -28.41 -4.04
N7 P3E E . -3.79 -28.25 -3.86
N8 P3E E . -5.64 -29.19 -5.17
N8 P3E E . -5.62 -29.05 -5.03
N9 P3E E . -5.85 -27.38 -3.65
N9 P3E E . -5.86 -27.18 -3.60
N10 P3E E . -1.93 -27.50 -2.77
N10 P3E E . -1.97 -27.31 -2.58
O2 P3E E . 5.61 -29.46 -4.16
O2 P3E E . 5.65 -29.47 -4.19
O3 P3E E . 8.11 -30.11 -3.56
O3 P3E E . 8.14 -30.12 -3.56
O4 P3E E . 6.55 -30.35 -0.90
O4 P3E E . 6.57 -30.31 -0.91
O5 P3E E . 6.78 -27.31 -0.66
O5 P3E E . 6.81 -27.27 -0.73
O6 P3E E . 6.96 -24.84 -0.28
O6 P3E E . 6.85 -24.80 -0.29
O7 P3E E . 7.16 -26.35 1.74
O7 P3E E . 7.11 -26.34 1.69
O8 P3E E . 4.85 -25.98 0.52
O8 P3E E . 4.81 -26.07 0.45
O9 P3E E . 0.22 -28.60 -2.73
O9 P3E E . 0.15 -28.50 -2.52
O10 P3E E . -5.92 -25.68 -2.19
O10 P3E E . -5.96 -25.41 -2.21
O11 P3E E . -0.25 -29.08 -5.65
O11 P3E E . -0.39 -29.14 -5.39
O12 P3E E . 1.33 -26.93 -5.68
O12 P3E E . 1.27 -27.07 -5.60
O13 P3E E . 2.02 -26.48 -2.08
O13 P3E E . 2.07 -26.36 -2.08
O14 P3E E . 1.60 -23.94 -1.68
O14 P3E E . 2.87 -24.63 -3.72
O15 P3E E . 2.80 -24.78 -3.74
O15 P3E E . 1.92 -24.00 -1.61
O16 P3E E . 4.04 -24.93 -1.55
O16 P3E E . 4.02 -24.99 -1.63
O17 P3E E . 2.84 -24.85 0.56
O17 P3E E . 2.72 -25.07 0.46
O18 P3E E . 4.86 -23.57 0.44
O18 P3E E . 4.66 -23.67 0.48
P1 P3E E . 6.49 -26.11 0.40
P1 P3E E . 6.45 -26.11 0.36
P2 P3E E . 2.56 -24.97 -2.25
P2 P3E E . 2.74 -24.93 -2.32
P3 P3E E . 4.18 -24.78 0.07
P3 P3E E . 4.08 -24.89 0.02
C1 P3E F . 19.76 27.12 -5.13
C1 P3E F . 19.77 27.18 -5.11
C2 P3E F . 18.55 25.12 -5.14
C2 P3E F . 18.57 25.18 -5.13
C3 P3E F . 17.39 25.79 -5.11
C3 P3E F . 17.41 25.83 -5.09
C4 P3E F . 17.36 27.12 -5.10
C4 P3E F . 17.38 27.16 -5.07
O1 P3E F . 16.29 27.72 -5.09
O1 P3E F . 16.30 27.75 -5.05
C5 P3E F . 19.33 22.81 -5.17
C5 P3E F . 19.37 22.87 -5.19
C6 P3E F . 18.99 21.53 -4.43
C6 P3E F . 19.04 21.59 -4.46
C7 P3E F . 19.88 20.60 -5.20
C7 P3E F . 19.94 20.67 -5.25
C8 P3E F . 19.62 21.02 -6.65
C8 P3E F . 19.68 21.10 -6.70
C9 P3E F . 18.54 20.11 -7.25
C9 P3E F . 18.60 20.19 -7.30
C10 P3E F . 16.95 23.67 -5.12
C10 P3E F . 16.99 23.71 -5.11
C11 P3E F . 11.56 23.28 -1.03
C11 P3E F . 11.43 23.22 -1.17
C12 P3E F . 11.59 26.26 2.27
C12 P3E F . 11.41 26.07 2.24
C13 P3E F . 9.73 25.06 1.37
C13 P3E F . 9.56 24.87 1.29
C14 P3E F . 10.56 24.46 0.50
C14 P3E F . 10.40 24.31 0.39
C15 P3E F . 11.87 24.72 0.54
C15 P3E F . 11.70 24.61 0.44
C16 P3E F . 13.94 24.24 -0.48
C16 P3E F . 13.79 24.20 -0.58
C17 P3E F . 14.58 23.28 0.49
C17 P3E F . 14.45 23.27 0.41
C18 P3E F . 14.74 22.08 -0.37
C18 P3E F . 14.65 22.07 -0.43
C19 P3E F . 15.36 22.74 -1.61
C19 P3E F . 15.28 22.74 -1.67
C20 P3E F . 15.38 21.68 -2.72
C20 P3E F . 15.33 21.67 -2.77
C21 P3E F . 9.11 22.89 -0.89
C21 P3E F . 8.95 22.79 -1.04
C22 P3E F . 8.71 21.86 -0.02
C22 P3E F . 8.40 23.26 -2.23
C23 P3E F . 7.41 19.87 0.39
C23 P3E F . 8.57 23.65 -4.60
C24 P3E F . 7.82 20.89 -0.47
C24 P3E F . 9.13 23.18 -3.41
C25 P3E F . 7.91 19.79 1.68
C25 P3E F . 7.30 24.20 -4.62
C26 P3E F . 9.21 21.78 1.27
C26 P3E F . 7.13 23.81 -2.25
C27 P3E F . 8.81 20.76 2.13
C27 P3E F . 6.57 24.27 -3.44
C28 P3E F . 9.31 20.69 3.42
C28 P3E F . 5.31 24.81 -3.45
N1 P3E F . 18.56 27.84 -5.11
N1 P3E F . 18.56 27.88 -5.08
N2 P3E F . 20.93 27.77 -5.14
N2 P3E F . 20.93 27.84 -5.11
N3 P3E F . 19.72 25.79 -5.13
N3 P3E F . 19.74 25.85 -5.12
N4 P3E F . 16.41 24.88 -5.10
N4 P3E F . 16.44 24.92 -5.09
N5 P3E F . 18.27 23.83 -5.10
N5 P3E F . 18.32 23.87 -5.10
N6 P3E F . 10.38 23.54 -0.46
N6 P3E F . 10.24 23.45 -0.62
N7 P3E F . 12.38 25.63 1.39
N7 P3E F . 12.20 25.49 1.34
N8 P3E F . 12.11 27.13 3.14
N8 P3E F . 11.92 26.92 3.12
N9 P3E F . 10.23 25.99 2.28
N9 P3E F . 10.05 25.78 2.24
N10 P3E F . 12.46 24.05 -0.44
N10 P3E F . 12.32 23.99 -0.55
O2 P3E F . 19.45 21.62 -3.08
O2 P3E F . 19.50 21.67 -3.11
O3 P3E F . 21.26 20.82 -4.86
O3 P3E F . 21.30 20.90 -4.90
O4 P3E F . 19.11 22.37 -6.50
O4 P3E F . 19.16 22.44 -6.52
O5 P3E F . 17.37 19.78 -6.44
O5 P3E F . 17.47 19.86 -6.46
O6 P3E F . 16.40 19.18 -8.43
O6 P3E F . 16.31 17.63 -6.26
O7 P3E F . 16.38 17.61 -6.61
O7 P3E F . 16.36 18.71 -8.55
O8 P3E F . 14.91 19.73 -6.53
O8 P3E F . 14.84 19.67 -6.60
O9 P3E F . 14.44 23.82 -1.79
O9 P3E F . 14.33 23.80 -1.87
O10 P3E F . 8.52 24.83 1.38
O10 P3E F . 8.36 24.63 1.29
O11 P3E F . 15.88 23.77 0.85
O11 P3E F . 15.73 23.80 0.80
O12 P3E F . 15.68 21.18 0.23
O12 P3E F . 15.60 21.20 0.19
O13 P3E F . 14.04 21.36 -3.14
O13 P3E F . 14.01 21.31 -3.20
O14 P3E F . 11.98 19.77 -3.14
O14 P3E F . 11.98 19.68 -3.11
O15 P3E F . 13.96 19.39 -1.62
O15 P3E F . 14.03 19.33 -1.68
O16 P3E F . 14.30 18.96 -4.08
O16 P3E F . 14.29 18.91 -4.14
O17 P3E F . 13.93 17.42 -6.00
O17 P3E F . 13.81 17.40 -6.07
O18 P3E F . 12.38 19.39 -5.76
O18 P3E F . 12.33 19.41 -5.80
P1 P3E F . 16.32 18.99 -7.00
P1 P3E F . 16.26 18.93 -7.05
P2 P3E F . 13.49 19.86 -2.98
P2 P3E F . 13.50 19.80 -3.01
P3 P3E F . 13.78 18.87 -5.60
P3 P3E F . 13.72 18.84 -5.66
C11 P3E G . -12.69 20.81 -54.63
C12 P3E G . -16.37 23.19 -54.01
C13 P3E G . -14.10 23.82 -53.57
C14 P3E G . -13.70 22.60 -54.00
C15 P3E G . -14.61 21.73 -54.44
C16 P3E G . -14.71 19.47 -55.35
C17 P3E G . -15.05 19.76 -56.79
C18 P3E G . -13.80 19.26 -57.43
C19 P3E G . -13.68 17.90 -56.74
C20 P3E G . -12.30 17.33 -57.11
C21 P3E G . -11.15 22.58 -53.80
C22 P3E G . -10.58 21.97 -52.69
C23 P3E G . -9.72 20.01 -51.57
C24 P3E G . -10.29 20.61 -52.69
C25 P3E G . -9.40 20.78 -50.46
C26 P3E G . -10.26 22.74 -51.58
C27 P3E G . -9.67 22.13 -50.47
C28 P3E G . -9.36 22.89 -49.37
N6 P3E G . -12.50 22.02 -54.12
N7 P3E G . -15.92 22.01 -54.44
N8 P3E G . -17.68 23.46 -54.02
N9 P3E G . -15.46 24.14 -53.56
N10 P3E G . -13.99 20.61 -54.77
O5 P3E G . -11.49 14.69 -58.47
O6 P3E G . -9.53 14.93 -59.99
O7 P3E G . -9.54 12.96 -58.41
O8 P3E G . -9.16 15.42 -57.53
O9 P3E G . -13.83 18.30 -55.37
O10 P3E G . -13.30 24.66 -53.18
O11 P3E G . -16.15 18.95 -57.22
O12 P3E G . -13.99 19.07 -58.83
O13 P3E G . -11.24 18.12 -56.49
O14 P3E G . -9.08 19.58 -56.61
O15 P3E G . -10.97 19.90 -58.24
O16 P3E G . -9.59 17.81 -58.48
O17 P3E G . -7.69 16.44 -59.34
O18 P3E G . -7.48 17.40 -57.01
P1 P3E G . -9.91 14.41 -58.62
P2 P3E G . -10.17 18.91 -57.42
P3 P3E G . -8.40 16.81 -58.05
C11 P3E H . 8.61 -20.03 56.13
C11 P3E H . 8.56 -19.69 55.92
C12 P3E H . 4.38 -19.27 57.28
C12 P3E H . 4.39 -19.44 57.43
C13 P3E H . 5.33 -21.24 56.31
C13 P3E H . 5.40 -21.14 56.08
C14 P3E H . 6.54 -20.63 56.31
C14 P3E H . 6.55 -20.46 56.11
C15 P3E H . 6.65 -19.39 56.77
C15 P3E H . 6.63 -19.31 56.79
C16 P3E H . 8.33 -17.65 57.12
C16 P3E H . 8.33 -17.57 57.27
C17 P3E H . 8.38 -17.58 58.64
C17 P3E H . 8.45 -17.68 58.78
C18 P3E H . 9.77 -18.06 58.89
C18 P3E H . 9.84 -18.21 58.88
C19 P3E H . 10.50 -17.18 57.88
C19 P3E H . 10.54 -17.24 57.96
C20 P3E H . 11.94 -17.69 57.82
C20 P3E H . 11.96 -17.78 57.74
C21 P3E H . 8.12 -22.34 55.32
C21 P3E H . 8.22 -21.84 54.75
C22 P3E H . 8.78 -22.18 54.11
C22 P3E H . 8.57 -22.96 55.50
C23 P3E H . 10.78 -22.46 52.80
C23 P3E H . 9.74 -25.06 55.68
C24 P3E H . 10.11 -22.60 54.00
C24 P3E H . 9.38 -23.94 54.95
C25 P3E H . 10.12 -21.89 51.71
C25 P3E H . 9.26 -25.23 56.98
C26 P3E H . 8.13 -21.63 53.02
C26 P3E H . 8.09 -23.13 56.81
C27 P3E H . 8.80 -21.49 51.81
C27 P3E H . 8.45 -24.26 57.54
C28 P3E H . 8.17 -20.93 50.71
C28 P3E H . 7.97 -24.42 58.84
N6 P3E H . 7.76 -21.02 55.91
N6 P3E H . 7.76 -20.70 55.59
N7 P3E H . 5.60 -18.71 57.25
N7 P3E H . 5.56 -18.80 57.42
N8 P3E H . 3.34 -18.59 57.75
N8 P3E H . 3.34 -18.93 58.07
N9 P3E H . 4.22 -20.56 56.80
N9 P3E H . 4.28 -20.65 56.74
N10 P3E H . 7.92 -19.01 56.65
N10 P3E H . 7.86 -18.83 56.65
O5 P3E H . 14.86 -19.97 59.57
O5 P3E H . 15.35 -20.76 58.93
O6 P3E H . 16.95 -20.07 58.20
O6 P3E H . 17.42 -19.75 57.95
O7 P3E H . 16.79 -18.25 59.95
O7 P3E H . 16.52 -18.72 60.07
O8 P3E H . 15.34 -18.17 57.74
O8 P3E H . 15.27 -18.42 57.75
O9 P3E H . 9.71 -17.38 56.69
O9 P3E H . 9.68 -17.27 56.80
O10 P3E H . 5.18 -22.39 55.89
O10 P3E H . 5.30 -22.21 55.48
O11 P3E H . 8.25 -16.23 59.07
O11 P3E H . 8.39 -16.38 59.38
O12 P3E H . 10.17 -17.71 60.22
O12 P3E H . 10.32 -18.03 60.22
O13 P3E H . 11.95 -19.04 57.34
O13 P3E H . 11.90 -19.07 57.13
O14 P3E H . 12.55 -18.26 54.92
O14 P3E H . 12.51 -18.10 54.79
O15 P3E H . 11.99 -20.66 55.44
O15 P3E H . 11.93 -20.54 55.11
O16 P3E H . 14.21 -19.78 56.28
O16 P3E H . 14.16 -19.76 56.02
O17 P3E H . 14.87 -17.53 55.59
O17 P3E H . 14.78 -17.42 55.74
O18 P3E H . 16.65 -19.09 55.94
O18 P3E H . 16.57 -18.99 55.81
P1 P3E H . 16.05 -19.09 58.91
P1 P3E H . 16.19 -19.38 58.75
P2 P3E H . 12.64 -19.38 55.92
P2 P3E H . 12.60 -19.31 55.70
P3 P3E H . 15.37 -18.62 56.38
P3 P3E H . 15.30 -18.62 56.32
#